data_9C8I
#
_entry.id   9C8I
#
_cell.length_a   1.00
_cell.length_b   1.00
_cell.length_c   1.00
_cell.angle_alpha   90.00
_cell.angle_beta   90.00
_cell.angle_gamma   90.00
#
_symmetry.space_group_name_H-M   'P 1'
#
loop_
_entity.id
_entity.type
_entity.pdbx_description
1 polymer VP1
2 polymer VP2
3 polymer VP3
4 polymer VP4
#
loop_
_entity_poly.entity_id
_entity_poly.type
_entity_poly.pdbx_seq_one_letter_code
_entity_poly.pdbx_strand_id
1 'polypeptide(L)'
;IESIIKTATDTVKSEINAELGVVPSLNAVETGATSNTEPEEAIQTRTVINQHGVSETLVENFLSRAALVSKRSFEYKDHT
SSTAQTDKNFFKWTINTRSFVQLRRKLELFTYLRFDAEITILTTVAVNGSNNNTYVGLPDLTLQAMFVPTGALTPEKQDS
FHWQSGSNASVFFKISDPPARMTIPFMCINSAYSVFYDGFAGFEKTGLYGINPADTIGNLCVRIVNEHQPVGFTVTVRVY
MKPKHIKAWAPRPPRTLPYMSIANANYKGKERAPNALNAIIGNRDSVKTMPHNIV
;
A
2 'polypeptide(L)'
;SPSAEACGYSDRVLQLKLGNSAIVTQEAANYCCAYGEWPNYLPDHEAVAIDKPTQPETATDRFYTLRSVKWEATSTGWWW
KLPDALNNIGMFGQNVQHHYLYRSGFLIHVQCNATKFHQGALLVVAIPEHQRGAHNTTTSPGFDDIMKGEAGGTFNHPYV
LDDGTSLACATIFPHQWINLRTNNSATIVLPWMNAAPMDFPLRHNQWTLAIIPVVPLGTRTMSSMVPITVSIAPMCCEFN
GLRHAITQ
;
B
3 'polypeptide(L)'
;GVPTYLLPGSGQFLTTDDHSSAPVLPCFNPTPEMHIPGQVRNMLEVVQVESMMEINNTESAVGMERLKVDISALTDVDQL
LFNIPLDIQLDGPLRNTLVGNISRYYTHWSGSLEMTFMFCGSFMATGKLILCYTPPGGSCPTTRETAMLGTHIVWDFGLQ
SSITLIIPWISGSHYRMFNNDAKSTNANVGYVTCFMQTNLIVPSESSDTCSLIGFIAAKDDFSLRLMRDSPDIGQIDHLH
GAEAAYQ
;
C
4 'polypeptide(L)' MGAQVTRQQTGTHENANVATNGSHITYNQINFYKDSYAASASKQDFSQDPSKFTEPVVEGLKAGAPVLK D
#
# COMPACT_ATOMS: atom_id res chain seq x y z
N ILE A 1 16.70 13.09 3.69
CA ILE A 1 16.09 14.37 4.03
C ILE A 1 16.60 15.47 3.11
N GLU A 2 15.92 16.62 3.16
CA GLU A 2 16.13 17.85 2.38
C GLU A 2 16.46 17.63 0.91
N SER A 3 15.79 16.65 0.29
CA SER A 3 16.01 16.34 -1.13
C SER A 3 14.90 17.02 -1.94
N ILE A 4 15.32 17.87 -2.88
CA ILE A 4 14.39 18.65 -3.69
C ILE A 4 14.59 18.19 -5.13
N ILE A 5 14.83 16.88 -5.30
CA ILE A 5 15.26 16.34 -6.58
C ILE A 5 14.14 16.42 -7.61
N LYS A 6 14.49 16.85 -8.83
CA LYS A 6 13.57 16.98 -9.94
C LYS A 6 13.80 15.97 -11.03
N THR A 7 15.03 15.48 -11.18
CA THR A 7 15.39 14.47 -12.16
C THR A 7 15.98 13.26 -11.46
N ALA A 8 16.18 12.19 -12.22
CA ALA A 8 16.81 10.99 -11.68
C ALA A 8 18.28 11.27 -11.38
N THR A 9 18.79 10.65 -10.33
CA THR A 9 20.14 10.93 -9.87
C THR A 9 21.17 10.30 -10.78
N ASP A 10 22.19 11.07 -11.12
CA ASP A 10 23.26 10.57 -11.98
C ASP A 10 24.18 9.64 -11.19
N THR A 11 24.64 8.58 -11.85
CA THR A 11 25.61 7.68 -11.27
C THR A 11 27.02 8.15 -11.62
N VAL A 12 27.96 7.89 -10.73
CA VAL A 12 29.33 8.32 -10.90
C VAL A 12 30.18 7.12 -11.31
N LYS A 13 31.41 7.39 -11.74
CA LYS A 13 32.31 6.34 -12.18
C LYS A 13 32.77 5.50 -11.01
N SER A 14 32.71 4.18 -11.18
CA SER A 14 33.17 3.24 -10.17
C SER A 14 34.41 2.52 -10.68
N GLU A 15 35.33 2.23 -9.77
CA GLU A 15 36.58 1.56 -10.08
C GLU A 15 36.61 0.23 -9.32
N ILE A 16 37.75 -0.44 -9.37
CA ILE A 16 37.95 -1.65 -8.57
C ILE A 16 38.08 -1.23 -7.12
N ASN A 17 37.02 -1.45 -6.34
CA ASN A 17 36.91 -0.93 -4.98
C ASN A 17 37.17 -1.99 -3.93
N ALA A 18 37.98 -3.00 -4.25
CA ALA A 18 38.17 -4.19 -3.41
C ALA A 18 38.93 -3.80 -2.14
N GLU A 19 38.16 -3.38 -1.13
CA GLU A 19 38.69 -2.80 0.10
C GLU A 19 38.32 -3.67 1.31
N LEU A 20 39.29 -3.88 2.19
CA LEU A 20 39.08 -4.67 3.39
C LEU A 20 38.58 -3.79 4.53
N GLY A 21 37.58 -4.29 5.27
CA GLY A 21 37.09 -3.66 6.48
C GLY A 21 35.70 -3.09 6.39
N VAL A 22 35.28 -2.64 5.21
CA VAL A 22 33.93 -2.12 4.98
C VAL A 22 33.42 -2.71 3.67
N VAL A 23 32.10 -2.84 3.56
CA VAL A 23 31.50 -3.44 2.36
C VAL A 23 30.13 -2.79 2.10
N PRO A 24 29.83 -2.43 0.84
CA PRO A 24 28.53 -1.82 0.56
C PRO A 24 27.41 -2.82 0.35
N SER A 25 27.71 -3.95 -0.30
CA SER A 25 26.67 -4.84 -0.77
C SER A 25 26.10 -5.70 0.36
N LEU A 26 26.94 -6.18 1.26
CA LEU A 26 26.44 -6.97 2.37
C LEU A 26 25.78 -6.05 3.39
N ASN A 27 24.49 -5.82 3.22
CA ASN A 27 23.73 -4.94 4.09
C ASN A 27 22.92 -5.77 5.09
N ALA A 28 22.12 -5.08 5.89
CA ALA A 28 21.20 -5.72 6.82
C ALA A 28 19.78 -5.42 6.36
N VAL A 29 19.06 -6.46 5.95
CA VAL A 29 17.63 -6.34 5.69
C VAL A 29 16.88 -5.99 6.96
N GLU A 30 17.31 -6.53 8.11
CA GLU A 30 16.49 -6.45 9.31
C GLU A 30 16.62 -5.10 10.03
N THR A 31 16.69 -4.00 9.26
CA THR A 31 16.37 -2.66 9.70
C THR A 31 15.33 -2.08 8.74
N GLY A 32 15.66 -2.15 7.44
CA GLY A 32 14.86 -1.57 6.39
C GLY A 32 15.48 -1.87 5.04
N ALA A 33 15.26 -0.97 4.09
CA ALA A 33 15.87 -1.12 2.78
C ALA A 33 17.36 -0.76 2.85
N THR A 34 18.09 -1.14 1.81
CA THR A 34 19.54 -1.08 1.82
C THR A 34 20.05 0.17 1.10
N SER A 35 21.28 0.55 1.44
CA SER A 35 21.91 1.76 0.91
C SER A 35 23.01 1.47 -0.11
N ASN A 36 23.07 0.27 -0.68
CA ASN A 36 24.13 -0.07 -1.62
C ASN A 36 23.70 0.57 -2.94
N THR A 37 24.34 1.67 -3.32
CA THR A 37 24.05 2.30 -4.60
C THR A 37 24.92 1.68 -5.69
N GLU A 38 24.68 2.11 -6.94
CA GLU A 38 25.34 1.49 -8.09
C GLU A 38 26.86 1.66 -8.13
N PRO A 39 27.45 2.85 -7.93
CA PRO A 39 28.93 2.90 -7.96
C PRO A 39 29.59 2.42 -6.68
N GLU A 40 28.83 2.02 -5.66
CA GLU A 40 29.44 1.60 -4.41
C GLU A 40 30.06 0.21 -4.54
N GLU A 41 29.28 -0.76 -5.00
CA GLU A 41 29.82 -2.09 -5.27
C GLU A 41 28.95 -2.80 -6.31
N ALA A 42 29.32 -4.04 -6.61
CA ALA A 42 28.68 -5.06 -7.44
C ALA A 42 28.74 -4.76 -8.94
N ILE A 43 29.18 -3.56 -9.31
CA ILE A 43 29.36 -3.17 -10.71
C ILE A 43 30.40 -2.07 -10.78
N GLN A 44 31.09 -2.00 -11.92
CA GLN A 44 32.00 -0.90 -12.23
C GLN A 44 31.25 0.03 -13.17
N THR A 45 30.55 1.01 -12.59
CA THR A 45 29.65 1.87 -13.33
C THR A 45 30.43 2.91 -14.15
N ARG A 46 29.70 3.58 -15.03
CA ARG A 46 30.20 4.70 -15.80
C ARG A 46 29.41 5.95 -15.43
N THR A 47 30.07 7.11 -15.54
CA THR A 47 29.43 8.38 -15.22
C THR A 47 28.42 8.71 -16.32
N VAL A 48 27.14 8.51 -16.02
CA VAL A 48 26.06 8.84 -16.94
C VAL A 48 25.19 9.89 -16.28
N ILE A 49 24.91 10.97 -17.01
CA ILE A 49 24.04 12.03 -16.51
C ILE A 49 22.60 11.58 -16.76
N ASN A 50 21.78 11.61 -15.73
CA ASN A 50 20.44 11.04 -15.79
C ASN A 50 19.41 12.17 -15.87
N GLN A 51 18.74 12.27 -17.02
CA GLN A 51 17.75 13.30 -17.27
C GLN A 51 16.34 12.73 -17.41
N HIS A 52 16.05 11.67 -16.67
CA HIS A 52 14.81 10.93 -16.89
C HIS A 52 13.64 11.60 -16.18
N GLY A 53 12.44 11.25 -16.62
CA GLY A 53 11.23 11.88 -16.14
C GLY A 53 10.80 11.43 -14.75
N VAL A 54 10.82 12.37 -13.82
CA VAL A 54 10.33 12.15 -12.46
C VAL A 54 8.99 12.86 -12.23
N SER A 55 8.66 13.87 -13.03
CA SER A 55 7.37 14.55 -12.92
C SER A 55 6.22 13.64 -13.29
N GLU A 56 6.42 12.70 -14.22
CA GLU A 56 5.35 11.79 -14.62
C GLU A 56 5.05 10.75 -13.55
N THR A 57 6.01 10.45 -12.67
CA THR A 57 5.80 9.51 -11.58
C THR A 57 5.65 10.20 -10.23
N LEU A 58 5.28 11.48 -10.24
CA LEU A 58 4.88 12.17 -9.02
C LEU A 58 3.59 11.56 -8.49
N VAL A 59 3.41 11.66 -7.16
CA VAL A 59 2.22 11.08 -6.54
C VAL A 59 0.96 11.87 -6.94
N GLU A 60 1.09 13.17 -7.19
CA GLU A 60 -0.02 13.93 -7.73
C GLU A 60 -0.29 13.55 -9.17
N ASN A 61 0.78 13.35 -9.95
CA ASN A 61 0.64 12.88 -11.33
C ASN A 61 0.11 11.46 -11.36
N PHE A 62 0.48 10.64 -10.37
CA PHE A 62 -0.06 9.30 -10.25
C PHE A 62 -1.56 9.34 -9.95
N LEU A 63 -1.99 10.26 -9.10
CA LEU A 63 -3.33 10.20 -8.54
C LEU A 63 -4.32 11.17 -9.14
N SER A 64 -3.88 12.19 -9.89
CA SER A 64 -4.83 13.09 -10.55
C SER A 64 -5.14 12.58 -11.96
N ARG A 65 -5.53 11.31 -12.02
CA ARG A 65 -6.10 10.69 -13.21
C ARG A 65 -7.58 10.45 -12.91
N ALA A 66 -8.45 11.15 -13.64
CA ALA A 66 -9.88 11.12 -13.35
C ALA A 66 -10.45 9.77 -13.77
N ALA A 67 -10.67 8.90 -12.79
CA ALA A 67 -11.17 7.56 -13.03
C ALA A 67 -12.57 7.42 -12.44
N LEU A 68 -13.27 6.38 -12.89
CA LEU A 68 -14.67 6.19 -12.57
C LEU A 68 -14.85 5.79 -11.10
N VAL A 69 -15.87 6.35 -10.46
CA VAL A 69 -16.23 5.96 -9.11
C VAL A 69 -17.68 5.55 -8.96
N SER A 70 -18.57 5.95 -9.86
CA SER A 70 -19.95 5.45 -9.82
C SER A 70 -20.53 5.51 -11.23
N LYS A 71 -20.96 4.38 -11.75
CA LYS A 71 -21.64 4.28 -13.03
C LYS A 71 -23.06 3.79 -12.74
N ARG A 72 -24.04 4.68 -12.82
CA ARG A 72 -25.44 4.33 -12.60
C ARG A 72 -26.23 4.56 -13.87
N SER A 73 -26.69 3.47 -14.48
CA SER A 73 -27.57 3.55 -15.64
C SER A 73 -29.02 3.49 -15.18
N PHE A 74 -29.43 4.55 -14.49
CA PHE A 74 -30.78 4.59 -13.95
C PHE A 74 -31.79 4.88 -15.05
N GLU A 75 -32.96 4.25 -14.95
CA GLU A 75 -33.95 4.24 -16.00
C GLU A 75 -34.83 5.48 -15.86
N TYR A 76 -34.85 6.31 -16.91
CA TYR A 76 -35.57 7.60 -16.82
C TYR A 76 -36.89 7.48 -17.54
N LYS A 77 -37.96 7.32 -16.78
CA LYS A 77 -39.28 7.10 -17.39
C LYS A 77 -40.33 7.64 -16.44
N ASP A 78 -41.60 7.37 -16.73
CA ASP A 78 -42.65 7.72 -15.75
C ASP A 78 -42.56 6.63 -14.68
N HIS A 79 -41.59 6.73 -13.79
CA HIS A 79 -41.38 5.62 -12.81
C HIS A 79 -42.65 5.44 -11.99
N THR A 80 -43.49 6.47 -11.92
CA THR A 80 -44.69 6.40 -11.07
C THR A 80 -45.47 5.16 -11.44
N SER A 81 -45.70 4.96 -12.74
CA SER A 81 -46.55 3.83 -13.17
C SER A 81 -46.19 2.56 -12.39
N SER A 82 -44.93 2.13 -12.45
CA SER A 82 -44.54 0.86 -11.81
C SER A 82 -43.04 0.88 -11.48
N THR A 83 -42.70 1.08 -10.21
CA THR A 83 -41.28 1.15 -9.84
C THR A 83 -41.14 0.89 -8.36
N ALA A 84 -40.24 -0.03 -7.98
CA ALA A 84 -39.98 -0.27 -6.55
C ALA A 84 -38.47 -0.22 -6.32
N GLN A 85 -37.99 0.78 -5.59
CA GLN A 85 -36.53 0.93 -5.40
C GLN A 85 -35.87 0.81 -6.78
N THR A 86 -36.37 1.53 -7.78
CA THR A 86 -35.84 1.40 -9.15
C THR A 86 -35.29 2.72 -9.60
N ASP A 87 -34.58 3.44 -8.73
CA ASP A 87 -33.92 4.69 -9.18
C ASP A 87 -34.96 5.55 -9.89
N LYS A 88 -35.96 6.02 -9.16
CA LYS A 88 -37.06 6.79 -9.78
C LYS A 88 -36.50 8.10 -10.31
N ASN A 89 -35.83 8.04 -11.46
CA ASN A 89 -35.24 9.25 -12.10
C ASN A 89 -34.23 9.89 -11.15
N PHE A 90 -33.79 9.18 -10.09
CA PHE A 90 -32.74 9.78 -9.29
C PHE A 90 -32.13 8.69 -8.41
N PHE A 91 -30.82 8.78 -8.19
CA PHE A 91 -30.13 7.86 -7.31
C PHE A 91 -29.36 8.63 -6.26
N LYS A 92 -29.37 8.11 -5.03
CA LYS A 92 -28.66 8.73 -3.91
C LYS A 92 -27.35 7.97 -3.71
N TRP A 93 -26.39 8.23 -4.60
CA TRP A 93 -25.09 7.57 -4.49
C TRP A 93 -24.31 8.15 -3.33
N THR A 94 -24.17 7.35 -2.26
CA THR A 94 -23.27 7.69 -1.18
C THR A 94 -21.84 7.70 -1.71
N ILE A 95 -21.14 8.83 -1.53
CA ILE A 95 -19.85 9.04 -2.17
C ILE A 95 -18.82 8.14 -1.53
N ASN A 96 -18.45 7.08 -2.23
CA ASN A 96 -17.38 6.19 -1.83
C ASN A 96 -16.45 5.99 -3.02
N THR A 97 -15.16 5.93 -2.72
CA THR A 97 -14.15 5.59 -3.73
C THR A 97 -14.32 4.15 -4.21
N ARG A 98 -14.82 3.28 -3.34
CA ARG A 98 -14.55 1.85 -3.36
C ARG A 98 -15.33 1.08 -4.43
N SER A 99 -16.13 1.74 -5.25
CA SER A 99 -17.01 1.01 -6.15
C SER A 99 -16.26 0.43 -7.35
N PHE A 100 -15.26 1.15 -7.87
CA PHE A 100 -14.54 0.72 -9.06
C PHE A 100 -13.08 0.51 -8.74
N VAL A 101 -12.57 -0.68 -9.07
CA VAL A 101 -11.36 -1.22 -8.46
C VAL A 101 -10.08 -0.53 -8.93
N GLN A 102 -10.11 0.19 -10.05
CA GLN A 102 -8.90 0.86 -10.54
C GLN A 102 -8.51 2.02 -9.63
N LEU A 103 -9.38 3.01 -9.52
CA LEU A 103 -9.13 4.14 -8.63
C LEU A 103 -9.22 3.72 -7.16
N ARG A 104 -9.97 2.67 -6.85
CA ARG A 104 -9.96 2.13 -5.50
C ARG A 104 -8.58 1.60 -5.14
N ARG A 105 -7.94 0.86 -6.05
CA ARG A 105 -6.59 0.38 -5.80
C ARG A 105 -5.59 1.54 -5.74
N LYS A 106 -5.81 2.57 -6.58
CA LYS A 106 -4.94 3.74 -6.57
C LYS A 106 -5.01 4.50 -5.24
N LEU A 107 -6.20 4.66 -4.67
CA LEU A 107 -6.32 5.33 -3.38
C LEU A 107 -6.07 4.42 -2.19
N GLU A 108 -6.25 3.11 -2.34
CA GLU A 108 -5.88 2.14 -1.32
C GLU A 108 -4.42 1.73 -1.40
N LEU A 109 -3.66 2.35 -2.30
CA LEU A 109 -2.20 2.33 -2.20
C LEU A 109 -1.72 2.98 -0.92
N PHE A 110 -2.45 3.97 -0.42
CA PHE A 110 -2.01 4.79 0.71
C PHE A 110 -3.03 4.71 1.83
N THR A 111 -2.53 4.76 3.05
CA THR A 111 -3.41 4.77 4.22
C THR A 111 -4.18 6.07 4.31
N TYR A 112 -3.51 7.20 4.06
CA TYR A 112 -4.10 8.51 4.26
C TYR A 112 -3.86 9.37 3.03
N LEU A 113 -4.90 10.07 2.58
CA LEU A 113 -4.76 11.04 1.50
C LEU A 113 -5.66 12.24 1.79
N ARG A 114 -5.03 13.41 1.93
CA ARG A 114 -5.73 14.67 1.83
C ARG A 114 -5.77 15.09 0.37
N PHE A 115 -6.97 15.22 -0.19
CA PHE A 115 -7.09 15.67 -1.57
C PHE A 115 -8.44 16.36 -1.78
N ASP A 116 -8.52 17.12 -2.86
CA ASP A 116 -9.77 17.70 -3.32
C ASP A 116 -10.28 16.89 -4.51
N ALA A 117 -11.53 16.49 -4.45
CA ALA A 117 -12.13 15.60 -5.44
C ALA A 117 -12.67 16.43 -6.59
N GLU A 118 -11.91 16.48 -7.69
CA GLU A 118 -12.40 17.09 -8.91
C GLU A 118 -13.39 16.09 -9.49
N ILE A 119 -14.67 16.31 -9.28
CA ILE A 119 -15.70 15.37 -9.70
C ILE A 119 -16.24 15.80 -11.06
N THR A 120 -16.02 14.96 -12.06
CA THR A 120 -16.56 15.20 -13.39
C THR A 120 -17.65 14.17 -13.65
N ILE A 121 -18.85 14.65 -13.94
CA ILE A 121 -20.03 13.81 -14.08
C ILE A 121 -20.36 13.75 -15.57
N LEU A 122 -19.95 12.68 -16.23
CA LEU A 122 -20.24 12.45 -17.62
C LEU A 122 -21.51 11.62 -17.70
N THR A 123 -22.52 12.13 -18.40
CA THR A 123 -23.83 11.51 -18.43
C THR A 123 -24.16 11.15 -19.88
N THR A 124 -24.50 9.88 -20.12
CA THR A 124 -24.83 9.39 -21.45
C THR A 124 -26.25 8.84 -21.45
N VAL A 125 -26.94 9.02 -22.57
CA VAL A 125 -28.34 8.63 -22.73
C VAL A 125 -28.43 7.47 -23.69
N ALA A 126 -29.31 6.52 -23.39
CA ALA A 126 -29.60 5.41 -24.28
C ALA A 126 -31.08 5.10 -24.20
N VAL A 127 -31.72 4.93 -25.36
CA VAL A 127 -33.13 4.59 -25.38
C VAL A 127 -33.29 3.11 -25.03
N ASN A 128 -34.15 2.83 -24.05
CA ASN A 128 -34.29 1.48 -23.53
C ASN A 128 -35.12 0.65 -24.50
N GLY A 129 -34.66 -0.56 -24.79
CA GLY A 129 -35.28 -1.43 -25.75
C GLY A 129 -36.24 -2.48 -25.20
N SER A 130 -36.56 -2.43 -23.90
CA SER A 130 -37.50 -3.41 -23.35
C SER A 130 -38.93 -3.12 -23.79
N ASN A 131 -39.26 -1.84 -23.99
CA ASN A 131 -40.57 -1.44 -24.48
C ASN A 131 -40.64 -1.37 -26.00
N ASN A 132 -39.54 -1.73 -26.68
CA ASN A 132 -39.40 -1.70 -28.14
C ASN A 132 -39.67 -0.31 -28.72
N ASN A 133 -39.23 0.72 -28.01
CA ASN A 133 -39.39 2.09 -28.47
C ASN A 133 -38.39 2.40 -29.57
N THR A 134 -38.73 3.38 -30.40
CA THR A 134 -37.82 3.84 -31.44
C THR A 134 -36.75 4.75 -30.85
N TYR A 135 -35.81 5.13 -31.70
CA TYR A 135 -34.69 5.98 -31.25
C TYR A 135 -35.18 7.37 -30.88
N VAL A 136 -35.95 8.00 -31.78
CA VAL A 136 -36.64 9.31 -31.68
C VAL A 136 -35.77 10.43 -31.08
N GLY A 137 -34.47 10.35 -31.33
CA GLY A 137 -33.55 11.37 -30.84
C GLY A 137 -33.13 11.19 -29.40
N LEU A 138 -31.90 11.61 -29.07
CA LEU A 138 -31.42 11.59 -27.70
C LEU A 138 -31.61 12.96 -27.08
N PRO A 139 -32.42 13.08 -26.04
CA PRO A 139 -32.80 14.40 -25.52
C PRO A 139 -31.70 15.05 -24.69
N ASP A 140 -31.75 16.39 -24.65
CA ASP A 140 -30.79 17.18 -23.88
C ASP A 140 -31.38 17.56 -22.52
N LEU A 141 -31.41 16.56 -21.65
CA LEU A 141 -31.94 16.72 -20.30
C LEU A 141 -30.99 17.53 -19.43
N THR A 142 -31.52 18.53 -18.75
CA THR A 142 -30.75 19.18 -17.68
C THR A 142 -30.79 18.27 -16.46
N LEU A 143 -29.62 17.90 -15.96
CA LEU A 143 -29.47 16.87 -14.95
C LEU A 143 -28.87 17.50 -13.69
N GLN A 144 -29.66 17.61 -12.64
CA GLN A 144 -29.19 18.18 -11.38
C GLN A 144 -28.38 17.15 -10.61
N ALA A 145 -27.23 17.59 -10.09
CA ALA A 145 -26.33 16.75 -9.31
C ALA A 145 -26.11 17.43 -7.96
N MET A 146 -26.92 17.08 -6.97
CA MET A 146 -26.86 17.73 -5.66
C MET A 146 -25.99 16.88 -4.74
N PHE A 147 -24.95 17.49 -4.18
CA PHE A 147 -24.12 16.86 -3.16
C PHE A 147 -24.64 17.26 -1.79
N VAL A 148 -25.13 16.28 -1.04
CA VAL A 148 -25.61 16.51 0.33
C VAL A 148 -24.58 15.94 1.29
N PRO A 149 -24.16 16.71 2.30
CA PRO A 149 -23.37 16.12 3.39
C PRO A 149 -24.21 15.16 4.22
N THR A 150 -23.51 14.41 5.08
CA THR A 150 -24.20 13.53 6.01
C THR A 150 -24.92 14.34 7.08
N GLY A 151 -26.08 13.84 7.49
CA GLY A 151 -26.98 14.56 8.35
C GLY A 151 -28.09 15.27 7.60
N ALA A 152 -27.81 15.74 6.39
CA ALA A 152 -28.85 16.29 5.54
C ALA A 152 -29.72 15.18 4.99
N LEU A 153 -31.02 15.45 4.90
CA LEU A 153 -31.97 14.44 4.45
C LEU A 153 -31.87 14.25 2.95
N THR A 154 -31.62 13.00 2.53
CA THR A 154 -31.61 12.67 1.12
C THR A 154 -33.04 12.71 0.57
N PRO A 155 -33.21 13.12 -0.69
CA PRO A 155 -34.54 13.12 -1.29
C PRO A 155 -35.08 11.72 -1.51
N GLU A 156 -36.41 11.63 -1.63
CA GLU A 156 -37.08 10.36 -1.86
C GLU A 156 -37.80 10.28 -3.19
N LYS A 157 -37.95 11.38 -3.91
CA LYS A 157 -38.61 11.42 -5.20
C LYS A 157 -37.79 12.27 -6.17
N GLN A 158 -38.24 12.30 -7.43
CA GLN A 158 -37.63 13.20 -8.39
C GLN A 158 -38.00 14.65 -8.09
N ASP A 159 -39.29 14.91 -7.86
CA ASP A 159 -39.76 16.21 -7.38
C ASP A 159 -40.01 16.15 -5.87
N SER A 160 -38.93 15.95 -5.13
CA SER A 160 -39.01 15.68 -3.70
C SER A 160 -38.93 16.93 -2.83
N PHE A 161 -38.82 18.11 -3.44
CA PHE A 161 -38.69 19.42 -2.80
C PHE A 161 -37.44 19.57 -1.93
N HIS A 162 -36.53 18.60 -1.99
CA HIS A 162 -35.20 18.73 -1.41
C HIS A 162 -34.19 19.18 -2.45
N TRP A 163 -34.62 19.37 -3.68
CA TRP A 163 -33.79 19.87 -4.77
C TRP A 163 -33.83 21.38 -4.88
N GLN A 164 -34.42 22.06 -3.90
CA GLN A 164 -34.44 23.52 -3.88
C GLN A 164 -33.04 24.10 -3.71
N SER A 165 -32.19 23.41 -2.93
CA SER A 165 -30.78 23.75 -2.72
C SER A 165 -30.60 25.14 -2.13
N GLY A 166 -31.25 25.37 -0.99
CA GLY A 166 -31.06 26.62 -0.27
C GLY A 166 -29.66 26.76 0.28
N SER A 167 -29.09 25.66 0.76
CA SER A 167 -27.70 25.62 1.20
C SER A 167 -26.91 24.45 0.64
N ASN A 168 -27.56 23.48 0.00
CA ASN A 168 -26.88 22.32 -0.53
C ASN A 168 -26.21 22.66 -1.85
N ALA A 169 -25.03 22.08 -2.08
CA ALA A 169 -24.30 22.31 -3.31
C ALA A 169 -24.86 21.45 -4.42
N SER A 170 -25.22 22.08 -5.54
CA SER A 170 -25.76 21.37 -6.68
C SER A 170 -25.32 22.07 -7.95
N VAL A 171 -25.19 21.29 -9.03
CA VAL A 171 -24.93 21.82 -10.36
C VAL A 171 -26.09 21.45 -11.26
N PHE A 172 -26.38 22.31 -12.23
CA PHE A 172 -27.46 22.13 -13.19
C PHE A 172 -26.84 22.17 -14.58
N PHE A 173 -26.55 21.00 -15.13
CA PHE A 173 -25.87 20.90 -16.40
C PHE A 173 -26.62 19.96 -17.33
N LYS A 174 -26.70 20.34 -18.60
CA LYS A 174 -27.35 19.52 -19.61
C LYS A 174 -26.42 18.42 -20.09
N ILE A 175 -26.96 17.54 -20.94
CA ILE A 175 -26.19 16.45 -21.50
C ILE A 175 -25.53 16.85 -22.81
N SER A 176 -26.20 17.64 -23.64
CA SER A 176 -25.59 18.23 -24.83
C SER A 176 -24.75 19.44 -24.41
N ASP A 177 -23.65 19.13 -23.75
CA ASP A 177 -22.83 20.09 -23.03
C ASP A 177 -21.55 19.39 -22.59
N PRO A 178 -20.51 20.13 -22.23
CA PRO A 178 -19.39 19.52 -21.50
C PRO A 178 -19.86 19.02 -20.15
N PRO A 179 -19.23 17.97 -19.62
CA PRO A 179 -19.64 17.42 -18.34
C PRO A 179 -19.33 18.37 -17.19
N ALA A 180 -19.99 18.13 -16.06
CA ALA A 180 -19.92 19.03 -14.91
C ALA A 180 -18.59 18.85 -14.21
N ARG A 181 -17.61 19.66 -14.62
CA ARG A 181 -16.32 19.70 -13.94
C ARG A 181 -16.50 20.49 -12.65
N MET A 182 -16.80 19.77 -11.57
CA MET A 182 -16.98 20.35 -10.25
C MET A 182 -15.90 19.79 -9.32
N THR A 183 -15.51 20.58 -8.33
CA THR A 183 -14.50 20.16 -7.38
C THR A 183 -15.14 20.14 -6.00
N ILE A 184 -15.36 18.95 -5.47
CA ILE A 184 -15.71 18.81 -4.05
C ILE A 184 -14.42 18.90 -3.24
N PRO A 185 -14.38 19.77 -2.21
CA PRO A 185 -13.13 19.99 -1.47
C PRO A 185 -12.72 18.84 -0.57
N PHE A 186 -11.75 19.13 0.29
CA PHE A 186 -11.34 18.21 1.33
C PHE A 186 -12.46 18.14 2.37
N MET A 187 -13.46 17.31 2.07
CA MET A 187 -14.64 17.19 2.92
C MET A 187 -14.43 16.10 3.97
N CYS A 188 -13.49 16.38 4.87
CA CYS A 188 -13.19 15.48 5.97
C CYS A 188 -12.96 16.29 7.23
N ILE A 189 -13.51 15.82 8.34
CA ILE A 189 -13.29 16.49 9.61
C ILE A 189 -11.91 16.20 10.18
N ASN A 190 -11.24 15.17 9.67
CA ASN A 190 -9.85 14.90 10.03
C ASN A 190 -8.92 15.51 8.98
N SER A 191 -7.63 15.39 9.22
CA SER A 191 -6.63 16.00 8.33
C SER A 191 -6.28 15.13 7.14
N ALA A 192 -6.86 13.94 7.04
CA ALA A 192 -6.69 13.10 5.85
C ALA A 192 -7.90 12.19 5.71
N TYR A 193 -8.10 11.69 4.50
CA TYR A 193 -9.07 10.61 4.31
C TYR A 193 -8.41 9.30 4.73
N SER A 194 -8.90 8.70 5.80
CA SER A 194 -8.44 7.37 6.18
C SER A 194 -9.05 6.36 5.21
N VAL A 195 -8.34 6.09 4.12
CA VAL A 195 -8.79 5.12 3.12
C VAL A 195 -8.92 3.75 3.73
N PHE A 196 -8.01 3.40 4.62
CA PHE A 196 -8.17 2.28 5.53
C PHE A 196 -8.43 2.78 6.94
N TYR A 197 -9.33 2.11 7.63
CA TYR A 197 -9.77 2.51 8.96
C TYR A 197 -9.90 1.25 9.79
N ASP A 198 -8.94 1.00 10.68
CA ASP A 198 -9.01 -0.14 11.58
C ASP A 198 -9.81 0.24 12.83
N GLY A 199 -11.10 0.48 12.60
CA GLY A 199 -11.96 0.93 13.67
C GLY A 199 -13.41 0.87 13.23
N PHE A 200 -14.28 1.20 14.17
CA PHE A 200 -15.70 1.09 13.97
C PHE A 200 -16.30 2.50 13.96
N ALA A 201 -17.30 2.71 13.11
CA ALA A 201 -17.84 4.04 12.89
C ALA A 201 -18.60 4.54 14.13
N GLY A 202 -19.43 3.69 14.71
CA GLY A 202 -20.19 4.05 15.89
C GLY A 202 -19.45 3.71 17.18
N PHE A 203 -19.91 4.33 18.26
CA PHE A 203 -19.39 4.00 19.58
C PHE A 203 -19.94 2.68 20.10
N GLU A 204 -21.06 2.22 19.53
CA GLU A 204 -21.61 0.93 19.92
C GLU A 204 -20.77 -0.21 19.34
N LYS A 205 -20.97 -1.40 19.90
CA LYS A 205 -20.22 -2.57 19.47
C LYS A 205 -20.70 -3.10 18.12
N THR A 206 -21.93 -2.77 17.72
CA THR A 206 -22.52 -3.28 16.50
C THR A 206 -22.33 -2.35 15.31
N GLY A 207 -21.42 -1.39 15.40
CA GLY A 207 -21.13 -0.52 14.27
C GLY A 207 -20.42 -1.26 13.15
N LEU A 208 -20.56 -0.73 11.94
CA LEU A 208 -19.95 -1.35 10.78
C LEU A 208 -18.45 -1.04 10.75
N TYR A 209 -17.65 -2.03 10.37
CA TYR A 209 -16.21 -1.94 10.50
C TYR A 209 -15.58 -1.42 9.22
N GLY A 210 -14.60 -0.54 9.37
CA GLY A 210 -13.80 -0.07 8.25
C GLY A 210 -14.26 1.23 7.65
N ILE A 211 -15.50 1.64 7.88
CA ILE A 211 -15.99 2.91 7.37
C ILE A 211 -15.62 3.99 8.37
N ASN A 212 -14.74 4.90 7.95
CA ASN A 212 -14.38 6.04 8.77
C ASN A 212 -15.55 7.01 8.80
N PRO A 213 -16.04 7.40 9.99
CA PRO A 213 -17.05 8.48 10.06
C PRO A 213 -16.53 9.82 9.57
N ALA A 214 -15.22 10.04 9.60
CA ALA A 214 -14.65 11.26 9.05
C ALA A 214 -14.72 11.28 7.52
N ASP A 215 -14.65 10.11 6.90
CA ASP A 215 -14.61 10.01 5.44
C ASP A 215 -15.99 9.85 4.82
N THR A 216 -17.06 9.91 5.60
CA THR A 216 -18.40 9.99 5.02
C THR A 216 -18.57 11.37 4.44
N ILE A 217 -18.25 11.49 3.15
CA ILE A 217 -18.41 12.77 2.44
C ILE A 217 -19.88 13.11 2.32
N GLY A 218 -20.73 12.12 2.10
CA GLY A 218 -22.15 12.29 1.99
C GLY A 218 -22.68 11.52 0.80
N ASN A 219 -23.83 11.96 0.30
CA ASN A 219 -24.43 11.39 -0.89
C ASN A 219 -24.37 12.40 -2.03
N LEU A 220 -24.15 11.90 -3.24
CA LEU A 220 -24.22 12.71 -4.45
C LEU A 220 -25.54 12.36 -5.13
N CYS A 221 -26.60 13.02 -4.72
CA CYS A 221 -27.92 12.76 -5.28
C CYS A 221 -28.03 13.42 -6.65
N VAL A 222 -28.14 12.59 -7.68
CA VAL A 222 -28.19 13.04 -9.07
C VAL A 222 -29.59 12.79 -9.57
N ARG A 223 -30.23 13.82 -10.14
CA ARG A 223 -31.61 13.68 -10.57
C ARG A 223 -31.80 14.27 -11.97
N ILE A 224 -32.98 13.99 -12.51
CA ILE A 224 -33.45 14.59 -13.75
C ILE A 224 -34.37 15.74 -13.39
N VAL A 225 -34.10 16.93 -13.93
CA VAL A 225 -34.89 18.11 -13.57
C VAL A 225 -36.26 18.07 -14.24
N ASN A 226 -36.30 17.91 -15.56
CA ASN A 226 -37.57 17.99 -16.27
C ASN A 226 -38.39 16.73 -16.08
N GLU A 227 -39.68 16.84 -16.38
CA GLU A 227 -40.64 15.78 -16.10
C GLU A 227 -40.48 14.61 -17.07
N HIS A 228 -41.24 13.54 -16.80
CA HIS A 228 -41.07 12.30 -17.54
C HIS A 228 -41.57 12.41 -18.97
N GLN A 229 -40.78 11.88 -19.90
CA GLN A 229 -41.10 11.76 -21.32
C GLN A 229 -41.94 10.51 -21.57
N PRO A 230 -42.78 10.52 -22.61
CA PRO A 230 -43.53 9.29 -22.95
C PRO A 230 -42.66 8.14 -23.41
N VAL A 231 -41.45 8.40 -23.91
CA VAL A 231 -40.51 7.37 -24.33
C VAL A 231 -39.41 7.27 -23.29
N GLY A 232 -39.12 6.04 -22.85
CA GLY A 232 -38.19 5.82 -21.76
C GLY A 232 -36.75 5.79 -22.23
N PHE A 233 -35.88 6.47 -21.50
CA PHE A 233 -34.45 6.49 -21.75
C PHE A 233 -33.71 5.88 -20.57
N THR A 234 -32.51 5.37 -20.83
CA THR A 234 -31.63 4.83 -19.79
C THR A 234 -30.49 5.83 -19.61
N VAL A 235 -30.66 6.72 -18.65
CA VAL A 235 -29.67 7.77 -18.38
C VAL A 235 -28.53 7.13 -17.60
N THR A 236 -27.32 7.09 -18.17
CA THR A 236 -26.20 6.46 -17.45
C THR A 236 -25.28 7.53 -16.92
N VAL A 237 -25.33 7.81 -15.62
CA VAL A 237 -24.51 8.90 -15.04
C VAL A 237 -23.20 8.31 -14.52
N ARG A 238 -22.08 8.68 -15.13
CA ARG A 238 -20.76 8.17 -14.71
C ARG A 238 -20.02 9.32 -14.03
N VAL A 239 -19.82 9.21 -12.72
CA VAL A 239 -19.10 10.26 -11.96
C VAL A 239 -17.62 9.86 -11.92
N TYR A 240 -16.74 10.75 -12.37
CA TYR A 240 -15.29 10.45 -12.38
C TYR A 240 -14.66 11.41 -11.43
N MET A 241 -13.84 10.92 -10.50
CA MET A 241 -13.22 11.78 -9.48
C MET A 241 -11.72 11.86 -9.73
N LYS A 242 -11.17 13.06 -9.87
CA LYS A 242 -9.71 13.21 -10.05
C LYS A 242 -9.11 13.67 -8.72
N PRO A 243 -8.53 12.78 -7.89
CA PRO A 243 -7.91 13.25 -6.68
C PRO A 243 -6.98 14.38 -7.04
N LYS A 244 -7.38 15.62 -6.76
CA LYS A 244 -6.49 16.78 -7.03
C LYS A 244 -5.87 17.23 -5.70
N HIS A 245 -4.87 18.11 -5.74
CA HIS A 245 -4.16 18.55 -4.51
C HIS A 245 -3.86 17.31 -3.68
N ILE A 246 -2.91 16.49 -4.13
CA ILE A 246 -2.63 15.21 -3.48
C ILE A 246 -1.57 15.39 -2.41
N LYS A 247 -1.90 14.92 -1.20
CA LYS A 247 -0.93 14.73 -0.13
C LYS A 247 -1.18 13.34 0.44
N ALA A 248 -0.26 12.41 0.20
CA ALA A 248 -0.45 11.02 0.56
C ALA A 248 0.43 10.64 1.73
N TRP A 249 -0.06 9.68 2.53
CA TRP A 249 0.67 9.22 3.70
C TRP A 249 0.62 7.71 3.79
N ALA A 250 1.73 7.11 4.27
CA ALA A 250 1.89 5.68 4.56
C ALA A 250 1.52 4.77 3.40
N PRO A 251 2.39 4.65 2.41
CA PRO A 251 2.11 3.74 1.29
C PRO A 251 2.05 2.29 1.76
N ARG A 252 1.23 1.52 1.07
CA ARG A 252 0.82 0.20 1.50
C ARG A 252 1.06 -0.83 0.41
N PRO A 253 0.99 -2.11 0.75
CA PRO A 253 0.81 -3.14 -0.26
C PRO A 253 -0.42 -2.89 -1.10
N PRO A 254 -0.29 -2.96 -2.43
CA PRO A 254 -1.45 -2.86 -3.29
C PRO A 254 -2.34 -4.10 -3.15
N ARG A 255 -3.62 -3.90 -3.44
CA ARG A 255 -4.57 -5.00 -3.37
C ARG A 255 -4.36 -5.95 -4.54
N THR A 256 -3.85 -7.14 -4.27
CA THR A 256 -3.58 -8.12 -5.32
C THR A 256 -4.82 -8.91 -5.69
N LEU A 257 -5.62 -9.34 -4.71
CA LEU A 257 -6.80 -10.12 -4.98
C LEU A 257 -7.88 -9.23 -5.60
N PRO A 258 -8.81 -9.82 -6.35
CA PRO A 258 -9.98 -9.05 -6.80
C PRO A 258 -10.81 -8.58 -5.61
N TYR A 259 -11.33 -7.36 -5.73
CA TYR A 259 -12.12 -6.77 -4.66
C TYR A 259 -13.48 -7.47 -4.56
N MET A 260 -14.04 -7.45 -3.36
CA MET A 260 -15.34 -8.07 -3.15
C MET A 260 -16.40 -7.08 -2.70
N SER A 261 -16.14 -6.29 -1.65
CA SER A 261 -17.14 -5.40 -1.09
C SER A 261 -16.60 -3.98 -1.01
N ILE A 262 -17.53 -3.04 -1.08
CA ILE A 262 -17.18 -1.63 -0.94
C ILE A 262 -16.84 -1.29 0.51
N ALA A 263 -17.65 -1.76 1.45
CA ALA A 263 -17.56 -1.29 2.83
C ALA A 263 -16.34 -1.84 3.55
N ASN A 264 -15.85 -3.00 3.15
CA ASN A 264 -14.71 -3.64 3.82
C ASN A 264 -13.71 -4.09 2.78
N ALA A 265 -12.65 -4.74 3.24
CA ALA A 265 -11.58 -5.25 2.40
C ALA A 265 -11.59 -6.78 2.37
N ASN A 266 -12.77 -7.38 2.30
CA ASN A 266 -12.89 -8.83 2.26
C ASN A 266 -12.33 -9.37 0.95
N TYR A 267 -11.72 -10.54 1.02
CA TYR A 267 -10.89 -11.04 -0.07
C TYR A 267 -11.25 -12.47 -0.43
N LYS A 268 -11.19 -12.75 -1.73
CA LYS A 268 -11.18 -14.11 -2.27
C LYS A 268 -10.57 -14.02 -3.65
N GLY A 269 -9.47 -14.73 -3.88
CA GLY A 269 -8.77 -14.66 -5.13
C GLY A 269 -9.44 -15.48 -6.22
N LYS A 270 -8.75 -15.57 -7.36
CA LYS A 270 -9.23 -16.40 -8.45
C LYS A 270 -9.06 -17.88 -8.11
N GLU A 271 -9.68 -18.74 -8.93
CA GLU A 271 -9.77 -20.16 -8.59
C GLU A 271 -8.43 -20.88 -8.73
N ARG A 272 -7.57 -20.46 -9.66
CA ARG A 272 -6.15 -20.75 -9.61
C ARG A 272 -5.35 -19.46 -9.71
N ALA A 273 -4.03 -19.62 -9.72
CA ALA A 273 -3.12 -18.52 -9.97
C ALA A 273 -3.27 -18.04 -11.42
N PRO A 274 -3.04 -16.75 -11.70
CA PRO A 274 -2.57 -15.65 -10.83
C PRO A 274 -3.66 -14.99 -10.00
N ASN A 275 -3.22 -14.15 -9.05
CA ASN A 275 -4.07 -13.33 -8.19
C ASN A 275 -5.04 -14.18 -7.37
N ALA A 276 -4.55 -15.33 -6.91
CA ALA A 276 -5.34 -16.22 -6.07
C ALA A 276 -4.90 -16.09 -4.62
N LEU A 277 -5.70 -16.69 -3.73
CA LEU A 277 -5.42 -16.61 -2.30
C LEU A 277 -4.15 -17.37 -1.94
N ASN A 278 -4.01 -18.60 -2.43
CA ASN A 278 -2.83 -19.40 -2.14
C ASN A 278 -1.68 -19.11 -3.09
N ALA A 279 -1.91 -18.35 -4.16
CA ALA A 279 -0.87 -18.03 -5.13
C ALA A 279 -1.22 -16.71 -5.81
N ILE A 280 -0.61 -15.62 -5.35
CA ILE A 280 -0.83 -14.32 -5.98
C ILE A 280 -0.18 -14.27 -7.36
N ILE A 281 1.05 -14.75 -7.46
CA ILE A 281 1.79 -14.80 -8.72
C ILE A 281 1.49 -16.13 -9.40
N GLY A 282 1.27 -16.10 -10.72
CA GLY A 282 1.10 -17.31 -11.51
C GLY A 282 2.27 -18.26 -11.43
N ASN A 283 1.98 -19.53 -11.20
CA ASN A 283 3.01 -20.51 -10.89
C ASN A 283 3.80 -20.92 -12.12
N ARG A 284 5.09 -21.16 -11.92
CA ARG A 284 5.95 -21.75 -12.92
C ARG A 284 5.95 -23.27 -12.75
N ASP A 285 6.59 -23.97 -13.69
CA ASP A 285 6.64 -25.42 -13.61
C ASP A 285 7.57 -25.89 -12.49
N SER A 286 8.65 -25.16 -12.25
CA SER A 286 9.57 -25.48 -11.17
C SER A 286 10.24 -24.19 -10.72
N VAL A 287 11.06 -24.32 -9.67
CA VAL A 287 11.78 -23.17 -9.12
C VAL A 287 12.87 -22.72 -10.09
N LYS A 288 13.57 -23.67 -10.69
CA LYS A 288 14.61 -23.38 -11.68
C LYS A 288 14.08 -23.31 -13.11
N THR A 289 12.82 -23.70 -13.32
CA THR A 289 12.23 -23.66 -14.66
C THR A 289 11.83 -22.23 -14.97
N MET A 290 12.31 -21.72 -16.10
CA MET A 290 12.21 -20.30 -16.40
C MET A 290 11.22 -20.04 -17.51
N PRO A 291 10.18 -19.24 -17.28
CA PRO A 291 9.20 -18.95 -18.33
C PRO A 291 9.60 -17.75 -19.17
N HIS A 292 9.02 -17.72 -20.38
CA HIS A 292 9.23 -16.66 -21.39
C HIS A 292 10.71 -16.53 -21.74
N ASN A 293 11.25 -17.60 -22.30
CA ASN A 293 12.68 -17.71 -22.60
C ASN A 293 12.89 -17.71 -24.10
N ILE A 294 13.81 -16.87 -24.57
CA ILE A 294 14.25 -16.92 -25.96
C ILE A 294 15.26 -18.04 -26.11
N VAL A 295 15.00 -18.94 -27.06
CA VAL A 295 15.86 -20.09 -27.27
C VAL A 295 16.27 -20.17 -28.74
N ASP B 11 24.46 -8.72 17.47
CA ASP B 11 24.97 -7.66 16.60
C ASP B 11 25.14 -6.35 17.37
N ARG B 12 24.08 -5.54 17.37
CA ARG B 12 24.09 -4.23 17.99
C ARG B 12 23.34 -4.28 19.32
N VAL B 13 24.00 -3.88 20.39
CA VAL B 13 23.32 -3.77 21.68
C VAL B 13 22.42 -2.54 21.65
N LEU B 14 21.35 -2.60 22.44
CA LEU B 14 20.35 -1.54 22.45
C LEU B 14 19.59 -1.55 23.76
N GLN B 15 19.53 -0.40 24.42
CA GLN B 15 18.81 -0.25 25.68
C GLN B 15 17.69 0.77 25.47
N LEU B 16 16.47 0.38 25.83
CA LEU B 16 15.30 1.24 25.72
C LEU B 16 14.75 1.47 27.12
N LYS B 17 15.04 2.64 27.69
CA LYS B 17 14.68 2.96 29.07
C LYS B 17 13.60 4.03 29.07
N LEU B 18 12.36 3.61 29.32
CA LEU B 18 11.23 4.53 29.46
C LEU B 18 10.41 4.10 30.66
N GLY B 19 10.23 5.03 31.61
CA GLY B 19 9.53 4.69 32.83
C GLY B 19 10.38 3.76 33.68
N ASN B 20 9.69 2.92 34.45
CA ASN B 20 10.39 1.91 35.26
C ASN B 20 10.91 0.76 34.41
N SER B 21 10.33 0.53 33.24
CA SER B 21 10.73 -0.59 32.40
C SER B 21 11.96 -0.26 31.57
N ALA B 22 12.78 -1.27 31.34
CA ALA B 22 13.96 -1.14 30.50
C ALA B 22 14.19 -2.47 29.79
N ILE B 23 14.51 -2.40 28.50
CA ILE B 23 14.74 -3.58 27.68
C ILE B 23 16.17 -3.53 27.18
N VAL B 24 16.95 -4.56 27.47
CA VAL B 24 18.32 -4.70 27.01
C VAL B 24 18.39 -5.91 26.10
N THR B 25 18.80 -5.70 24.85
CA THR B 25 18.97 -6.77 23.89
C THR B 25 20.38 -6.75 23.35
N GLN B 26 20.99 -7.94 23.24
CA GLN B 26 22.38 -8.05 22.81
C GLN B 26 22.54 -8.44 21.35
N GLU B 27 21.51 -9.00 20.72
CA GLU B 27 21.63 -9.43 19.33
C GLU B 27 20.54 -8.80 18.48
N ALA B 28 20.34 -7.49 18.62
CA ALA B 28 19.39 -6.75 17.81
C ALA B 28 20.10 -5.95 16.74
N ALA B 29 19.32 -5.47 15.78
CA ALA B 29 19.81 -4.55 14.77
C ALA B 29 19.49 -3.12 15.21
N ASN B 30 19.69 -2.17 14.31
CA ASN B 30 19.24 -0.80 14.58
C ASN B 30 17.73 -0.74 14.61
N TYR B 31 17.20 0.21 15.37
CA TYR B 31 15.76 0.28 15.54
C TYR B 31 15.11 0.88 14.30
N CYS B 32 13.78 0.98 14.34
CA CYS B 32 12.99 1.31 13.16
C CYS B 32 12.13 2.52 13.43
N CYS B 33 12.79 3.66 13.74
CA CYS B 33 12.13 4.96 13.79
C CYS B 33 11.27 5.17 12.55
N ALA B 34 9.96 5.14 12.76
CA ALA B 34 9.05 4.87 11.67
C ALA B 34 8.75 6.14 10.90
N TYR B 35 8.89 6.03 9.57
CA TYR B 35 8.60 7.10 8.61
C TYR B 35 9.45 8.34 8.85
N GLY B 36 10.65 8.15 9.39
CA GLY B 36 11.52 9.25 9.77
C GLY B 36 10.98 10.12 10.87
N GLU B 37 10.10 9.59 11.73
CA GLU B 37 9.36 10.39 12.69
C GLU B 37 9.50 9.78 14.08
N TRP B 38 10.26 10.45 14.94
CA TRP B 38 10.26 10.13 16.35
C TRP B 38 8.92 10.52 16.95
N PRO B 39 8.40 9.77 17.93
CA PRO B 39 7.12 10.13 18.55
C PRO B 39 7.22 11.43 19.33
N ASN B 40 6.13 12.20 19.30
CA ASN B 40 6.08 13.49 19.97
C ASN B 40 4.66 13.72 20.48
N TYR B 41 4.53 14.66 21.41
CA TYR B 41 3.22 15.07 21.88
C TYR B 41 2.57 15.98 20.84
N LEU B 42 1.30 16.31 21.07
CA LEU B 42 0.57 17.18 20.17
C LEU B 42 1.07 18.62 20.31
N PRO B 43 1.51 19.26 19.24
CA PRO B 43 1.87 20.68 19.33
C PRO B 43 0.65 21.56 19.50
N ASP B 44 0.90 22.82 19.87
CA ASP B 44 -0.19 23.76 20.12
C ASP B 44 -0.93 24.12 18.84
N HIS B 45 -0.30 23.75 17.72
CA HIS B 45 -0.91 24.00 16.39
C HIS B 45 -1.67 22.77 15.91
N GLU B 46 -1.15 21.56 16.15
CA GLU B 46 -1.81 20.36 15.57
C GLU B 46 -2.96 19.90 16.47
N ALA B 47 -3.08 20.47 17.67
CA ALA B 47 -4.12 20.00 18.61
C ALA B 47 -5.51 20.36 18.09
N VAL B 48 -6.52 19.61 18.53
CA VAL B 48 -7.91 19.89 18.10
C VAL B 48 -8.82 19.85 19.34
N ALA B 49 -8.27 19.39 20.47
CA ALA B 49 -9.10 19.25 21.69
C ALA B 49 -8.61 20.23 22.73
N ILE B 50 -9.48 21.15 23.15
CA ILE B 50 -9.09 22.21 24.11
C ILE B 50 -8.73 21.57 25.45
N ASP B 51 -9.22 20.37 25.72
CA ASP B 51 -8.98 19.72 27.04
C ASP B 51 -7.48 19.65 27.27
N LYS B 52 -7.03 19.77 28.52
CA LYS B 52 -5.57 19.60 28.76
C LYS B 52 -5.28 18.12 28.63
N PRO B 53 -4.25 17.69 27.86
CA PRO B 53 -3.93 16.28 27.80
C PRO B 53 -3.40 15.75 29.12
N THR B 54 -3.59 14.45 29.35
CA THR B 54 -3.11 13.83 30.59
C THR B 54 -1.62 13.67 30.51
N GLN B 55 -1.10 13.36 29.33
CA GLN B 55 0.35 13.11 29.20
C GLN B 55 0.83 12.31 30.41
N PRO B 56 0.35 11.07 30.61
CA PRO B 56 0.73 10.30 31.79
C PRO B 56 1.99 9.57 31.45
N GLU B 57 3.10 10.29 31.37
CA GLU B 57 4.39 9.68 30.98
C GLU B 57 4.81 8.68 32.07
N THR B 58 5.74 7.78 31.75
CA THR B 58 6.27 6.84 32.75
C THR B 58 5.22 5.84 33.15
N ALA B 59 4.00 6.30 33.38
CA ALA B 59 2.91 5.39 33.75
C ALA B 59 2.42 4.66 32.51
N THR B 60 2.51 5.30 31.36
CA THR B 60 1.95 4.69 30.16
C THR B 60 3.02 4.55 29.11
N ASP B 61 4.23 5.05 29.37
CA ASP B 61 5.34 4.87 28.39
C ASP B 61 6.13 3.61 28.76
N ARG B 62 5.69 2.88 29.78
CA ARG B 62 6.36 1.64 30.19
C ARG B 62 6.29 0.66 29.02
N PHE B 63 7.22 -0.29 28.94
CA PHE B 63 7.10 -1.35 27.91
C PHE B 63 6.15 -2.38 28.46
N TYR B 64 5.10 -2.72 27.71
CA TYR B 64 4.09 -3.67 28.23
C TYR B 64 4.32 -5.03 27.59
N THR B 65 4.83 -6.01 28.36
CA THR B 65 5.09 -7.29 27.72
C THR B 65 3.80 -8.07 27.58
N LEU B 66 3.43 -8.40 26.35
CA LEU B 66 2.13 -9.00 26.07
C LEU B 66 2.20 -10.51 26.30
N ARG B 67 1.12 -11.20 25.92
CA ARG B 67 1.14 -12.65 25.90
C ARG B 67 2.04 -13.14 24.77
N SER B 68 3.05 -13.91 25.12
CA SER B 68 3.96 -14.46 24.13
C SER B 68 3.31 -15.64 23.43
N VAL B 69 3.20 -15.57 22.11
CA VAL B 69 2.59 -16.63 21.32
C VAL B 69 3.66 -17.63 20.96
N LYS B 70 3.29 -18.90 20.92
CA LYS B 70 4.23 -19.96 20.58
C LYS B 70 4.45 -19.97 19.08
N TRP B 71 5.70 -20.21 18.67
CA TRP B 71 6.08 -20.32 17.27
C TRP B 71 6.40 -21.78 16.97
N GLU B 72 5.67 -22.36 16.03
CA GLU B 72 5.91 -23.72 15.56
C GLU B 72 6.16 -23.69 14.06
N ALA B 73 6.24 -24.88 13.46
CA ALA B 73 6.48 -24.96 12.02
C ALA B 73 5.23 -24.58 11.22
N THR B 74 4.04 -24.76 11.80
CA THR B 74 2.79 -24.48 11.11
C THR B 74 2.19 -23.14 11.54
N SER B 75 2.96 -22.30 12.21
CA SER B 75 2.45 -21.01 12.65
C SER B 75 2.34 -20.07 11.45
N THR B 76 1.11 -19.69 11.11
CA THR B 76 0.89 -18.82 9.96
C THR B 76 1.24 -17.38 10.30
N GLY B 77 0.69 -16.86 11.38
CA GLY B 77 0.97 -15.48 11.76
C GLY B 77 0.16 -14.99 12.95
N TRP B 78 0.64 -13.93 13.60
CA TRP B 78 -0.08 -13.27 14.67
C TRP B 78 -0.02 -11.76 14.47
N TRP B 79 -1.08 -11.08 14.87
CA TRP B 79 -1.13 -9.63 14.78
C TRP B 79 -1.70 -9.06 16.08
N TRP B 80 -1.26 -7.85 16.40
CA TRP B 80 -1.82 -7.09 17.51
C TRP B 80 -2.13 -5.68 17.04
N LYS B 81 -3.32 -5.20 17.40
CA LYS B 81 -3.77 -3.88 17.02
C LYS B 81 -3.49 -2.91 18.16
N LEU B 82 -2.92 -1.78 17.83
CA LEU B 82 -2.64 -0.78 18.84
C LEU B 82 -3.65 0.34 18.75
N PRO B 83 -4.28 0.74 19.86
CA PRO B 83 -4.03 0.31 21.23
C PRO B 83 -4.94 -0.80 21.73
N ASP B 84 -5.55 -1.60 20.83
CA ASP B 84 -6.43 -2.68 21.26
C ASP B 84 -5.68 -3.77 22.02
N ALA B 85 -4.41 -3.99 21.68
CA ALA B 85 -3.58 -4.91 22.44
C ALA B 85 -3.27 -4.37 23.82
N LEU B 86 -3.28 -3.05 23.99
CA LEU B 86 -3.00 -2.41 25.27
C LEU B 86 -4.23 -1.70 25.84
N ASN B 87 -5.43 -2.11 25.41
CA ASN B 87 -6.65 -1.45 25.86
C ASN B 87 -6.97 -1.75 27.32
N ASN B 88 -6.58 -2.93 27.81
CA ASN B 88 -6.90 -3.34 29.17
C ASN B 88 -5.65 -3.64 29.99
N ILE B 89 -4.49 -3.11 29.60
CA ILE B 89 -3.23 -3.44 30.24
C ILE B 89 -2.66 -2.17 30.86
N GLY B 90 -2.45 -2.21 32.17
CA GLY B 90 -1.68 -1.22 32.90
C GLY B 90 -2.35 0.13 33.01
N MET B 91 -1.53 1.13 33.35
CA MET B 91 -2.02 2.49 33.49
C MET B 91 -2.37 3.10 32.14
N PHE B 92 -1.74 2.63 31.06
CA PHE B 92 -2.17 3.02 29.72
C PHE B 92 -3.57 2.49 29.42
N GLY B 93 -3.87 1.25 29.83
CA GLY B 93 -5.21 0.73 29.66
C GLY B 93 -6.24 1.46 30.51
N GLN B 94 -5.86 1.83 31.74
CA GLN B 94 -6.75 2.61 32.59
C GLN B 94 -6.99 4.00 32.03
N ASN B 95 -5.96 4.64 31.49
CA ASN B 95 -6.12 5.95 30.87
C ASN B 95 -6.90 5.86 29.57
N VAL B 96 -6.75 4.76 28.83
CA VAL B 96 -7.52 4.57 27.60
C VAL B 96 -9.00 4.39 27.92
N GLN B 97 -9.31 3.63 28.98
CA GLN B 97 -10.70 3.47 29.40
C GLN B 97 -11.26 4.76 30.00
N HIS B 98 -10.41 5.57 30.61
CA HIS B 98 -10.87 6.77 31.29
C HIS B 98 -10.82 8.02 30.43
N HIS B 99 -10.34 7.93 29.19
CA HIS B 99 -10.27 9.09 28.30
C HIS B 99 -10.86 8.74 26.95
N TYR B 100 -11.60 9.68 26.37
CA TYR B 100 -12.21 9.46 25.06
C TYR B 100 -11.25 9.77 23.92
N LEU B 101 -10.31 10.69 24.12
CA LEU B 101 -9.35 11.05 23.09
C LEU B 101 -7.96 10.63 23.56
N TYR B 102 -7.15 10.14 22.62
CA TYR B 102 -5.80 9.71 23.00
C TYR B 102 -4.84 9.98 21.85
N ARG B 103 -3.57 10.19 22.20
CA ARG B 103 -2.49 10.29 21.23
C ARG B 103 -1.26 9.64 21.84
N SER B 104 -0.81 8.53 21.26
CA SER B 104 0.38 7.85 21.75
C SER B 104 1.06 7.16 20.59
N GLY B 105 2.36 7.41 20.43
CA GLY B 105 3.18 6.54 19.64
C GLY B 105 3.48 5.26 20.39
N PHE B 106 4.08 4.30 19.69
CA PHE B 106 4.34 3.00 20.28
C PHE B 106 5.78 2.59 20.03
N LEU B 107 6.45 2.12 21.06
CA LEU B 107 7.79 1.56 20.93
C LEU B 107 7.64 0.05 20.96
N ILE B 108 7.54 -0.53 19.76
CA ILE B 108 7.50 -1.98 19.61
C ILE B 108 8.88 -2.55 19.90
N HIS B 109 8.93 -3.57 20.75
CA HIS B 109 10.11 -4.43 20.85
C HIS B 109 9.62 -5.86 20.92
N VAL B 110 9.96 -6.64 19.90
CA VAL B 110 9.58 -8.04 19.83
C VAL B 110 10.84 -8.89 19.95
N GLN B 111 10.92 -9.69 21.01
CA GLN B 111 12.04 -10.58 21.24
C GLN B 111 11.64 -11.99 20.89
N CYS B 112 12.42 -12.64 20.03
CA CYS B 112 12.24 -14.04 19.69
C CYS B 112 13.57 -14.73 20.03
N ASN B 113 13.68 -15.17 21.27
CA ASN B 113 14.92 -15.81 21.75
C ASN B 113 14.96 -17.23 21.22
N ALA B 114 15.72 -17.44 20.15
CA ALA B 114 15.95 -18.75 19.59
C ALA B 114 17.46 -19.00 19.54
N THR B 115 17.83 -20.27 19.43
CA THR B 115 19.24 -20.63 19.44
C THR B 115 19.88 -20.28 18.09
N LYS B 116 21.21 -20.44 18.05
CA LYS B 116 21.97 -20.16 16.84
C LYS B 116 21.86 -21.26 15.79
N PHE B 117 21.21 -22.38 16.13
CA PHE B 117 20.98 -23.48 15.20
C PHE B 117 19.59 -23.40 14.58
N HIS B 118 18.88 -22.29 14.80
CA HIS B 118 17.47 -22.18 14.41
C HIS B 118 17.34 -21.44 13.09
N GLN B 119 16.55 -21.99 12.18
CA GLN B 119 16.36 -21.48 10.83
C GLN B 119 14.95 -20.93 10.71
N GLY B 120 14.83 -19.61 10.73
CA GLY B 120 13.52 -18.97 10.63
C GLY B 120 13.66 -17.47 10.64
N ALA B 121 12.56 -16.81 10.27
CA ALA B 121 12.51 -15.35 10.21
C ALA B 121 11.07 -14.89 10.40
N LEU B 122 10.93 -13.68 10.94
CA LEU B 122 9.62 -13.07 11.19
C LEU B 122 9.62 -11.66 10.64
N LEU B 123 8.81 -11.41 9.62
CA LEU B 123 8.57 -10.03 9.19
C LEU B 123 7.66 -9.40 10.23
N VAL B 124 8.26 -8.72 11.19
CA VAL B 124 7.52 -8.06 12.26
C VAL B 124 7.09 -6.71 11.71
N VAL B 125 5.87 -6.67 11.21
CA VAL B 125 5.42 -5.52 10.44
C VAL B 125 4.39 -4.76 11.26
N ALA B 126 4.38 -3.43 11.11
CA ALA B 126 3.47 -2.56 11.83
C ALA B 126 2.58 -1.88 10.79
N ILE B 127 1.40 -2.44 10.57
CA ILE B 127 0.46 -1.93 9.59
C ILE B 127 -0.32 -0.76 10.16
N PRO B 128 -0.29 0.42 9.55
CA PRO B 128 -1.22 1.48 9.96
C PRO B 128 -2.59 1.22 9.35
N GLU B 129 -3.59 1.08 10.22
CA GLU B 129 -5.00 0.81 9.86
C GLU B 129 -5.15 -0.44 8.99
N HIS B 130 -4.87 -1.57 9.61
CA HIS B 130 -5.10 -2.87 9.00
C HIS B 130 -6.59 -3.17 8.88
N GLN B 131 -7.21 -2.72 7.79
CA GLN B 131 -8.60 -3.03 7.50
C GLN B 131 -8.68 -4.49 7.06
N ARG B 132 -8.77 -5.37 8.05
CA ARG B 132 -8.83 -6.81 7.82
C ARG B 132 -10.06 -7.24 7.03
N GLY B 133 -9.85 -8.20 6.14
CA GLY B 133 -10.93 -8.82 5.41
C GLY B 133 -11.23 -10.21 5.92
N ALA B 134 -12.32 -10.78 5.40
CA ALA B 134 -12.75 -12.12 5.73
C ALA B 134 -12.83 -12.93 4.45
N HIS B 135 -12.34 -14.16 4.49
CA HIS B 135 -12.32 -15.00 3.30
C HIS B 135 -13.72 -15.54 2.99
N ASN B 136 -14.08 -15.47 1.71
CA ASN B 136 -15.27 -16.09 1.12
C ASN B 136 -16.58 -15.56 1.68
N THR B 137 -16.59 -14.35 2.25
CA THR B 137 -17.82 -13.71 2.68
C THR B 137 -17.66 -12.19 2.58
N THR B 138 -18.73 -11.53 2.17
CA THR B 138 -18.73 -10.08 1.98
C THR B 138 -19.08 -9.32 3.25
N THR B 139 -19.39 -10.02 4.34
CA THR B 139 -19.70 -9.35 5.60
C THR B 139 -18.44 -8.78 6.24
N SER B 140 -18.59 -7.61 6.85
CA SER B 140 -17.47 -6.98 7.55
C SER B 140 -17.12 -7.78 8.80
N PRO B 141 -15.84 -7.81 9.18
CA PRO B 141 -15.47 -8.47 10.45
C PRO B 141 -16.02 -7.72 11.64
N GLY B 142 -16.46 -8.47 12.64
CA GLY B 142 -17.08 -7.91 13.82
C GLY B 142 -16.07 -7.56 14.89
N PHE B 143 -16.57 -7.41 16.12
CA PHE B 143 -15.69 -7.14 17.26
C PHE B 143 -14.83 -8.35 17.60
N ASP B 144 -15.41 -9.55 17.50
CA ASP B 144 -14.68 -10.77 17.82
C ASP B 144 -13.68 -11.18 16.75
N ASP B 145 -13.69 -10.53 15.59
CA ASP B 145 -12.71 -10.78 14.55
C ASP B 145 -11.69 -9.66 14.40
N ILE B 146 -11.87 -8.55 15.12
CA ILE B 146 -10.99 -7.40 15.01
C ILE B 146 -10.36 -7.08 16.37
N MET B 147 -11.21 -6.81 17.36
CA MET B 147 -10.74 -6.43 18.69
C MET B 147 -10.64 -7.66 19.58
N LYS B 148 -9.57 -8.43 19.35
CA LYS B 148 -9.30 -9.57 20.22
C LYS B 148 -8.73 -9.13 21.56
N GLY B 149 -7.97 -8.05 21.59
CA GLY B 149 -7.46 -7.51 22.83
C GLY B 149 -6.00 -7.87 23.10
N GLU B 150 -5.71 -8.20 24.37
CA GLU B 150 -4.34 -8.47 24.78
C GLU B 150 -3.81 -9.78 24.22
N ALA B 151 -4.69 -10.77 24.04
CA ALA B 151 -4.27 -12.05 23.48
C ALA B 151 -3.92 -11.92 22.00
N GLY B 152 -4.52 -10.96 21.31
CA GLY B 152 -4.25 -10.76 19.90
C GLY B 152 -5.01 -11.75 19.05
N GLY B 153 -4.87 -11.58 17.74
CA GLY B 153 -5.52 -12.45 16.77
C GLY B 153 -4.50 -13.11 15.87
N THR B 154 -4.76 -14.36 15.52
CA THR B 154 -3.89 -15.08 14.61
C THR B 154 -4.23 -14.75 13.17
N PHE B 155 -3.31 -15.08 12.27
CA PHE B 155 -3.52 -14.91 10.84
C PHE B 155 -4.07 -16.20 10.27
N ASN B 156 -5.27 -16.16 9.69
CA ASN B 156 -5.69 -17.32 8.92
C ASN B 156 -5.01 -17.34 7.56
N HIS B 157 -4.84 -16.17 6.94
CA HIS B 157 -4.15 -16.04 5.66
C HIS B 157 -3.15 -14.90 5.74
N PRO B 158 -1.92 -15.18 6.21
CA PRO B 158 -0.93 -14.10 6.33
C PRO B 158 -0.29 -13.70 5.02
N TYR B 159 -0.40 -14.55 3.98
CA TYR B 159 0.22 -14.28 2.70
C TYR B 159 -0.46 -13.12 2.00
N VAL B 160 -1.75 -12.93 2.25
CA VAL B 160 -2.53 -11.88 1.60
C VAL B 160 -2.60 -10.71 2.58
N LEU B 161 -1.85 -10.85 3.69
CA LEU B 161 -1.85 -9.93 4.83
C LEU B 161 -3.23 -9.73 5.45
N ASP B 162 -4.13 -10.71 5.23
CA ASP B 162 -5.47 -10.78 5.83
C ASP B 162 -6.35 -9.57 5.50
N ASP B 163 -6.03 -8.86 4.43
CA ASP B 163 -6.80 -7.68 4.05
C ASP B 163 -6.98 -7.55 2.54
N GLY B 164 -6.61 -8.58 1.77
CA GLY B 164 -6.65 -8.50 0.32
C GLY B 164 -5.39 -7.98 -0.32
N THR B 165 -4.45 -7.49 0.48
CA THR B 165 -3.19 -6.89 -0.04
C THR B 165 -2.12 -7.93 -0.23
N SER B 166 -0.88 -7.63 0.18
CA SER B 166 0.23 -8.57 -0.08
C SER B 166 1.32 -8.46 1.00
N LEU B 167 1.78 -9.59 1.54
CA LEU B 167 2.87 -9.59 2.53
C LEU B 167 4.13 -9.12 1.80
N ALA B 168 4.29 -9.57 0.56
CA ALA B 168 5.52 -9.24 -0.18
C ALA B 168 5.77 -7.74 -0.11
N CYS B 169 4.72 -6.94 -0.20
CA CYS B 169 4.93 -5.47 -0.26
C CYS B 169 4.75 -4.87 1.13
N ALA B 170 4.66 -5.69 2.17
CA ALA B 170 4.39 -5.15 3.53
C ALA B 170 5.63 -4.43 4.04
N THR B 171 6.67 -4.36 3.24
CA THR B 171 7.91 -3.74 3.71
C THR B 171 7.85 -2.24 3.48
N ILE B 172 6.74 -1.72 2.94
CA ILE B 172 6.57 -0.25 2.77
C ILE B 172 6.14 0.28 4.14
N PHE B 173 5.76 -0.62 5.03
CA PHE B 173 5.34 -0.35 6.39
C PHE B 173 6.56 -0.34 7.32
N PRO B 174 6.43 0.28 8.51
CA PRO B 174 7.48 0.15 9.53
C PRO B 174 7.72 -1.30 9.93
N HIS B 175 8.91 -1.81 9.62
CA HIS B 175 9.18 -3.23 9.69
C HIS B 175 10.64 -3.48 10.07
N GLN B 176 10.86 -4.63 10.70
CA GLN B 176 12.17 -5.26 10.71
C GLN B 176 11.98 -6.75 10.46
N TRP B 177 13.04 -7.50 10.67
CA TRP B 177 13.00 -8.95 10.56
C TRP B 177 13.69 -9.53 11.78
N ILE B 178 13.20 -10.68 12.24
CA ILE B 178 13.75 -11.35 13.41
C ILE B 178 14.34 -12.66 12.92
N ASN B 179 14.99 -12.60 11.75
CA ASN B 179 15.83 -13.67 11.21
C ASN B 179 16.79 -14.20 12.27
N LEU B 180 16.63 -15.46 12.64
CA LEU B 180 17.30 -16.06 13.78
C LEU B 180 18.77 -16.38 13.52
N ARG B 181 19.30 -16.02 12.35
CA ARG B 181 20.74 -16.12 12.13
C ARG B 181 21.50 -15.15 13.03
N THR B 182 21.27 -13.84 12.87
CA THR B 182 21.92 -12.82 13.68
C THR B 182 20.94 -11.75 14.15
N ASN B 183 19.70 -12.14 14.44
CA ASN B 183 18.73 -11.17 14.98
C ASN B 183 17.71 -11.90 15.83
N ASN B 184 17.78 -11.69 17.15
CA ASN B 184 16.81 -12.27 18.07
C ASN B 184 15.75 -11.27 18.56
N SER B 185 15.94 -9.98 18.29
CA SER B 185 14.99 -8.97 18.77
C SER B 185 14.93 -7.84 17.75
N ALA B 186 13.73 -7.34 17.51
CA ALA B 186 13.50 -6.25 16.59
C ALA B 186 12.74 -5.12 17.27
N THR B 187 13.05 -3.89 16.86
CA THR B 187 12.56 -2.70 17.53
C THR B 187 12.00 -1.74 16.49
N ILE B 188 10.70 -1.46 16.57
CA ILE B 188 10.03 -0.53 15.67
C ILE B 188 9.49 0.63 16.49
N VAL B 189 9.90 1.85 16.14
CA VAL B 189 9.54 3.02 16.92
C VAL B 189 8.39 3.72 16.21
N LEU B 190 7.16 3.36 16.53
CA LEU B 190 6.00 3.98 15.90
C LEU B 190 5.68 5.31 16.55
N PRO B 191 5.51 6.38 15.77
CA PRO B 191 4.95 7.61 16.32
C PRO B 191 3.43 7.57 16.30
N TRP B 192 2.78 8.65 16.71
CA TRP B 192 1.35 8.77 16.51
C TRP B 192 1.05 8.86 15.03
N MET B 193 0.10 8.07 14.56
CA MET B 193 -0.28 8.11 13.15
C MET B 193 -1.78 7.92 13.03
N ASN B 194 -2.47 9.03 12.77
CA ASN B 194 -3.86 9.02 12.36
C ASN B 194 -4.12 10.31 11.59
N ALA B 195 -5.20 10.31 10.83
CA ALA B 195 -5.66 11.54 10.21
C ALA B 195 -6.09 12.55 11.27
N ALA B 196 -6.81 12.09 12.29
CA ALA B 196 -7.11 12.92 13.44
C ALA B 196 -5.87 13.07 14.32
N PRO B 197 -5.68 14.23 14.94
CA PRO B 197 -4.61 14.34 15.94
C PRO B 197 -4.85 13.47 17.15
N MET B 198 -6.10 13.30 17.56
CA MET B 198 -6.49 12.45 18.67
C MET B 198 -7.80 11.76 18.32
N ASP B 199 -7.92 10.50 18.71
CA ASP B 199 -9.06 9.71 18.25
C ASP B 199 -9.29 8.63 19.31
N PHE B 200 -10.50 8.07 19.32
CA PHE B 200 -10.98 7.12 20.33
C PHE B 200 -10.14 5.84 20.32
N PRO B 201 -9.53 5.47 21.46
CA PRO B 201 -8.69 4.25 21.46
C PRO B 201 -9.48 2.94 21.39
N LEU B 202 -10.60 2.84 22.10
CA LEU B 202 -11.28 1.54 22.20
C LEU B 202 -12.10 1.20 20.97
N ARG B 203 -12.26 2.12 20.01
CA ARG B 203 -13.01 1.83 18.80
C ARG B 203 -12.21 2.17 17.55
N HIS B 204 -10.89 2.22 17.65
CA HIS B 204 -10.04 2.45 16.49
C HIS B 204 -8.65 1.92 16.79
N ASN B 205 -7.98 1.42 15.76
CA ASN B 205 -6.62 0.89 15.87
C ASN B 205 -5.74 1.69 14.91
N GLN B 206 -5.01 2.67 15.45
CA GLN B 206 -4.18 3.52 14.62
C GLN B 206 -2.97 2.78 14.08
N TRP B 207 -2.46 1.82 14.85
CA TRP B 207 -1.38 0.95 14.40
C TRP B 207 -1.82 -0.49 14.60
N THR B 208 -1.31 -1.37 13.75
CA THR B 208 -1.54 -2.81 13.89
C THR B 208 -0.20 -3.50 13.69
N LEU B 209 0.37 -3.98 14.79
CA LEU B 209 1.63 -4.71 14.71
C LEU B 209 1.35 -6.17 14.38
N ALA B 210 1.94 -6.65 13.28
CA ALA B 210 1.74 -8.02 12.83
C ALA B 210 3.09 -8.70 12.72
N ILE B 211 3.21 -9.86 13.36
CA ILE B 211 4.42 -10.68 13.28
C ILE B 211 4.06 -11.93 12.49
N ILE B 212 4.69 -12.10 11.35
CA ILE B 212 4.33 -13.17 10.43
C ILE B 212 5.56 -14.06 10.23
N PRO B 213 5.47 -15.35 10.52
CA PRO B 213 6.53 -16.28 10.15
C PRO B 213 6.60 -16.46 8.65
N VAL B 214 7.30 -15.52 8.01
CA VAL B 214 7.49 -15.57 6.56
C VAL B 214 8.31 -16.81 6.20
N VAL B 215 9.37 -17.04 6.96
CA VAL B 215 10.10 -18.30 6.97
C VAL B 215 9.79 -18.99 8.30
N PRO B 216 9.12 -20.14 8.29
CA PRO B 216 8.75 -20.77 9.55
C PRO B 216 9.94 -21.36 10.29
N LEU B 217 9.81 -21.32 11.62
CA LEU B 217 10.93 -21.76 12.47
C LEU B 217 11.34 -23.14 12.02
N GLY B 218 12.64 -23.37 11.93
CA GLY B 218 13.12 -24.69 11.56
C GLY B 218 14.35 -25.01 12.33
N THR B 219 14.53 -26.27 12.67
CA THR B 219 15.76 -26.69 13.35
C THR B 219 15.68 -28.18 13.47
N ARG B 220 16.81 -28.86 13.29
CA ARG B 220 16.78 -30.32 13.54
C ARG B 220 17.22 -30.48 14.99
N THR B 221 17.32 -29.37 15.72
CA THR B 221 17.77 -29.41 17.13
C THR B 221 16.57 -29.65 18.01
N MET B 222 16.82 -29.76 19.32
CA MET B 222 15.72 -30.00 20.28
C MET B 222 14.61 -28.98 20.00
N SER B 223 13.43 -29.46 19.62
CA SER B 223 12.30 -28.53 19.41
C SER B 223 11.98 -27.86 20.75
N SER B 224 12.05 -26.53 20.80
CA SER B 224 11.78 -25.79 22.06
C SER B 224 10.80 -24.66 21.74
N MET B 225 9.76 -24.48 22.54
CA MET B 225 8.78 -23.43 22.18
C MET B 225 9.58 -22.15 21.92
N VAL B 226 9.55 -21.64 20.70
CA VAL B 226 10.23 -20.35 20.44
C VAL B 226 9.15 -19.30 20.67
N PRO B 227 9.09 -18.66 21.85
CA PRO B 227 7.99 -17.76 22.13
C PRO B 227 8.26 -16.47 21.43
N ILE B 228 7.19 -15.81 21.03
CA ILE B 228 7.33 -14.51 20.36
C ILE B 228 6.91 -13.48 21.41
N THR B 229 7.87 -13.07 22.24
CA THR B 229 7.61 -12.13 23.31
C THR B 229 7.43 -10.73 22.73
N VAL B 230 6.26 -10.15 22.92
CA VAL B 230 5.93 -8.84 22.37
C VAL B 230 5.84 -7.86 23.52
N SER B 231 6.64 -6.79 23.45
CA SER B 231 6.65 -5.75 24.46
C SER B 231 6.47 -4.41 23.75
N ILE B 232 5.26 -3.86 23.85
CA ILE B 232 4.94 -2.59 23.22
C ILE B 232 4.90 -1.51 24.30
N ALA B 233 5.79 -0.53 24.17
CA ALA B 233 5.79 0.61 25.07
C ALA B 233 5.06 1.76 24.40
N PRO B 234 3.92 2.20 24.92
CA PRO B 234 3.23 3.35 24.32
C PRO B 234 3.97 4.65 24.57
N MET B 235 4.63 5.18 23.55
CA MET B 235 5.49 6.34 23.70
C MET B 235 4.73 7.64 23.53
N CYS B 236 5.13 8.66 24.31
CA CYS B 236 4.65 10.04 24.22
C CYS B 236 3.14 10.11 24.40
N CYS B 237 2.66 9.62 25.54
CA CYS B 237 1.25 9.39 25.75
C CYS B 237 0.51 10.69 26.01
N GLU B 238 -0.61 10.87 25.33
CA GLU B 238 -1.48 12.02 25.52
C GLU B 238 -2.92 11.54 25.60
N PHE B 239 -3.72 12.21 26.42
CA PHE B 239 -5.09 11.80 26.66
C PHE B 239 -5.96 13.02 26.89
N ASN B 240 -7.07 13.12 26.16
CA ASN B 240 -8.07 14.16 26.36
C ASN B 240 -9.43 13.52 26.63
N GLY B 241 -10.35 14.35 27.13
CA GLY B 241 -11.71 13.91 27.36
C GLY B 241 -11.84 12.94 28.51
N LEU B 242 -11.56 13.39 29.73
CA LEU B 242 -11.61 12.52 30.90
C LEU B 242 -13.06 12.20 31.21
N ARG B 243 -13.43 10.92 31.03
CA ARG B 243 -14.79 10.46 31.27
C ARG B 243 -14.76 9.22 32.15
N HIS B 244 -15.89 8.53 32.27
CA HIS B 244 -15.94 7.31 33.04
C HIS B 244 -15.23 6.18 32.31
N ALA B 245 -15.02 5.07 33.02
CA ALA B 245 -14.28 3.92 32.49
C ALA B 245 -15.15 3.21 31.46
N ILE B 246 -14.93 3.52 30.19
CA ILE B 246 -15.69 2.90 29.11
C ILE B 246 -15.18 1.49 28.86
N GLY C 1 -10.28 37.28 -25.00
CA GLY C 1 -11.35 38.16 -24.57
C GLY C 1 -12.68 37.86 -25.23
N VAL C 2 -13.29 38.88 -25.83
CA VAL C 2 -14.54 38.69 -26.55
C VAL C 2 -14.40 37.80 -27.78
N PRO C 3 -13.40 38.00 -28.73
CA PRO C 3 -13.30 37.05 -29.84
C PRO C 3 -12.64 35.75 -29.39
N THR C 4 -13.45 34.71 -29.27
CA THR C 4 -12.97 33.40 -28.82
C THR C 4 -13.49 32.34 -29.78
N TYR C 5 -12.57 31.55 -30.33
CA TYR C 5 -12.92 30.42 -31.17
C TYR C 5 -12.61 29.13 -30.43
N LEU C 6 -13.53 28.17 -30.52
CA LEU C 6 -13.39 26.92 -29.78
C LEU C 6 -12.37 26.01 -30.44
N LEU C 7 -11.47 25.47 -29.65
CA LEU C 7 -10.46 24.54 -30.14
C LEU C 7 -11.11 23.18 -30.45
N PRO C 8 -10.45 22.36 -31.28
CA PRO C 8 -10.94 20.97 -31.44
C PRO C 8 -10.91 20.15 -30.17
N GLY C 9 -10.05 20.46 -29.21
CA GLY C 9 -10.03 19.75 -27.95
C GLY C 9 -10.83 20.46 -26.87
N SER C 10 -12.07 20.80 -27.24
CA SER C 10 -12.99 21.44 -26.28
C SER C 10 -14.06 20.44 -25.85
N GLY C 11 -14.70 20.70 -24.71
CA GLY C 11 -15.79 19.84 -24.24
C GLY C 11 -15.34 18.41 -24.04
N GLN C 12 -14.04 18.21 -23.87
CA GLN C 12 -13.51 16.84 -23.75
C GLN C 12 -13.15 16.62 -22.29
N PHE C 13 -13.60 15.52 -21.71
CA PHE C 13 -13.16 15.23 -20.33
C PHE C 13 -11.92 14.42 -20.48
N LEU C 14 -10.77 15.09 -20.57
CA LEU C 14 -9.51 14.32 -20.59
C LEU C 14 -9.25 13.86 -19.16
N THR C 15 -9.43 12.57 -18.89
CA THR C 15 -9.28 12.06 -17.53
C THR C 15 -8.02 12.61 -16.90
N THR C 16 -6.99 12.89 -17.69
CA THR C 16 -5.71 13.34 -17.13
C THR C 16 -5.58 14.84 -17.24
N ASP C 17 -6.69 15.58 -17.22
CA ASP C 17 -6.64 17.06 -17.29
C ASP C 17 -6.17 17.62 -15.95
N ASP C 18 -5.75 18.88 -15.91
CA ASP C 18 -5.37 19.51 -14.62
C ASP C 18 -6.11 20.84 -14.53
N HIS C 19 -7.01 21.09 -15.47
CA HIS C 19 -7.71 22.39 -15.50
C HIS C 19 -8.38 22.61 -14.15
N SER C 20 -8.37 23.85 -13.66
CA SER C 20 -9.04 24.18 -12.38
C SER C 20 -10.52 23.89 -12.51
N SER C 21 -11.16 23.49 -11.42
CA SER C 21 -12.59 23.11 -11.49
C SER C 21 -13.39 23.87 -10.45
N ALA C 22 -14.67 24.13 -10.74
CA ALA C 22 -15.49 24.97 -9.83
C ALA C 22 -15.51 24.40 -8.43
N PRO C 23 -15.37 25.25 -7.41
CA PRO C 23 -15.45 24.77 -6.05
C PRO C 23 -16.90 24.51 -5.77
N VAL C 24 -17.26 23.29 -5.36
CA VAL C 24 -18.67 23.02 -5.00
C VAL C 24 -18.98 23.72 -3.67
N LEU C 25 -18.10 23.60 -2.68
CA LEU C 25 -18.30 24.31 -1.39
C LEU C 25 -17.62 25.67 -1.54
N PRO C 26 -18.37 26.78 -1.59
CA PRO C 26 -17.77 28.07 -1.93
C PRO C 26 -16.82 28.87 -1.05
N CYS C 27 -16.85 28.75 0.28
CA CYS C 27 -15.87 29.50 1.11
C CYS C 27 -15.35 28.45 2.09
N PHE C 28 -15.41 27.21 1.66
CA PHE C 28 -15.05 26.05 2.47
C PHE C 28 -13.59 26.14 2.86
N ASN C 29 -13.33 26.41 4.13
CA ASN C 29 -11.98 26.26 4.66
C ASN C 29 -11.75 24.80 5.01
N PRO C 30 -10.72 24.15 4.46
CA PRO C 30 -10.51 22.73 4.76
C PRO C 30 -9.92 22.51 6.15
N THR C 31 -9.75 21.24 6.52
CA THR C 31 -9.14 20.92 7.80
C THR C 31 -7.68 21.34 7.81
N PRO C 32 -7.17 21.89 8.92
CA PRO C 32 -5.74 22.17 9.02
C PRO C 32 -4.91 20.89 8.95
N GLU C 33 -3.84 20.93 8.17
CA GLU C 33 -3.02 19.76 7.96
C GLU C 33 -2.07 19.55 9.12
N MET C 34 -2.12 18.38 9.74
CA MET C 34 -1.18 18.00 10.77
C MET C 34 -0.04 17.20 10.15
N HIS C 35 1.05 17.11 10.91
CA HIS C 35 2.24 16.41 10.42
C HIS C 35 2.05 14.91 10.60
N ILE C 36 1.28 14.33 9.69
CA ILE C 36 1.14 12.87 9.64
C ILE C 36 2.44 12.27 9.14
N PRO C 37 2.88 11.11 9.69
CA PRO C 37 4.10 10.48 9.24
C PRO C 37 3.93 9.75 7.94
N GLY C 38 5.00 9.59 7.17
CA GLY C 38 4.93 8.76 5.96
C GLY C 38 4.33 9.45 4.77
N GLN C 39 4.50 10.75 4.64
CA GLN C 39 4.02 11.43 3.42
C GLN C 39 4.81 10.89 2.24
N VAL C 40 4.12 10.42 1.20
CA VAL C 40 4.81 9.97 -0.03
C VAL C 40 4.55 11.02 -1.11
N ARG C 41 5.53 11.86 -1.41
CA ARG C 41 5.31 12.94 -2.40
C ARG C 41 5.66 12.39 -3.79
N ASN C 42 6.23 11.19 -3.85
CA ASN C 42 6.57 10.56 -5.15
C ASN C 42 6.49 9.04 -4.97
N MET C 43 5.88 8.35 -5.92
CA MET C 43 5.74 6.88 -5.83
C MET C 43 7.13 6.26 -5.87
N LEU C 44 8.10 6.95 -6.47
CA LEU C 44 9.47 6.40 -6.59
C LEU C 44 10.08 6.34 -5.18
N GLU C 45 9.35 6.78 -4.16
CA GLU C 45 9.85 6.60 -2.78
C GLU C 45 9.34 5.25 -2.32
N VAL C 46 8.16 4.85 -2.80
CA VAL C 46 7.57 3.54 -2.43
C VAL C 46 8.37 2.43 -3.13
N VAL C 47 8.77 2.66 -4.37
CA VAL C 47 9.46 1.60 -5.15
C VAL C 47 10.90 1.46 -4.64
N GLN C 48 11.42 2.45 -3.93
CA GLN C 48 12.87 2.39 -3.54
C GLN C 48 13.03 1.56 -2.27
N VAL C 49 11.97 0.90 -1.83
CA VAL C 49 12.00 0.09 -0.63
C VAL C 49 11.88 -1.38 -1.02
N GLU C 50 12.29 -2.25 -0.09
CA GLU C 50 12.36 -3.68 -0.34
C GLU C 50 10.97 -4.28 -0.51
N SER C 51 10.89 -5.38 -1.27
CA SER C 51 9.64 -6.11 -1.46
C SER C 51 9.97 -7.53 -1.87
N MET C 52 9.43 -8.51 -1.17
CA MET C 52 9.70 -9.91 -1.50
C MET C 52 9.13 -10.28 -2.86
N MET C 53 9.90 -11.08 -3.60
CA MET C 53 9.35 -11.77 -4.75
C MET C 53 8.85 -13.13 -4.32
N GLU C 54 8.00 -13.71 -5.16
CA GLU C 54 7.55 -15.08 -4.94
C GLU C 54 8.42 -16.00 -5.78
N ILE C 55 9.52 -16.45 -5.17
CA ILE C 55 10.51 -17.26 -5.88
C ILE C 55 9.94 -18.63 -6.22
N ASN C 56 9.35 -19.29 -5.24
CA ASN C 56 8.55 -20.49 -5.51
C ASN C 56 7.21 -20.07 -6.09
N ASN C 57 7.20 -19.95 -7.41
CA ASN C 57 5.95 -19.92 -8.18
C ASN C 57 5.66 -21.38 -8.54
N THR C 58 5.20 -22.12 -7.54
CA THR C 58 5.07 -23.56 -7.65
C THR C 58 3.72 -23.98 -7.10
N GLU C 59 3.09 -24.96 -7.76
CA GLU C 59 1.81 -25.48 -7.29
C GLU C 59 1.93 -26.17 -5.95
N SER C 60 3.09 -26.77 -5.66
CA SER C 60 3.32 -27.34 -4.34
C SER C 60 3.49 -26.25 -3.28
N ALA C 61 4.02 -25.09 -3.67
CA ALA C 61 4.18 -23.97 -2.75
C ALA C 61 2.84 -23.25 -2.62
N VAL C 62 2.09 -23.57 -1.58
CA VAL C 62 0.74 -23.04 -1.37
C VAL C 62 0.79 -22.05 -0.21
N GLY C 63 0.39 -20.81 -0.48
CA GLY C 63 0.31 -19.82 0.57
C GLY C 63 1.62 -19.24 1.05
N MET C 64 2.03 -19.63 2.26
CA MET C 64 3.17 -19.00 2.93
C MET C 64 4.49 -19.36 2.27
N GLU C 65 4.58 -20.55 1.68
CA GLU C 65 5.84 -21.08 1.14
C GLU C 65 6.20 -20.54 -0.24
N ARG C 66 5.63 -19.41 -0.67
CA ARG C 66 5.97 -18.85 -1.98
C ARG C 66 7.06 -17.80 -1.91
N LEU C 67 7.11 -17.01 -0.84
CA LEU C 67 8.14 -15.98 -0.73
C LEU C 67 9.51 -16.58 -0.48
N LYS C 68 9.58 -17.58 0.39
CA LYS C 68 10.83 -18.24 0.73
C LYS C 68 11.18 -19.25 -0.34
N VAL C 69 12.46 -19.62 -0.42
CA VAL C 69 12.91 -20.72 -1.28
C VAL C 69 13.75 -21.68 -0.44
N ASP C 70 13.31 -22.93 -0.37
CA ASP C 70 13.99 -23.98 0.39
C ASP C 70 15.14 -24.52 -0.46
N ILE C 71 16.35 -24.04 -0.18
CA ILE C 71 17.55 -24.60 -0.77
C ILE C 71 18.17 -25.56 0.23
N SER C 72 18.87 -26.56 -0.28
CA SER C 72 19.46 -27.61 0.55
C SER C 72 20.91 -27.79 0.16
N ALA C 73 21.57 -28.74 0.83
CA ALA C 73 22.97 -29.06 0.56
C ALA C 73 23.00 -30.07 -0.59
N LEU C 74 23.05 -29.56 -1.80
CA LEU C 74 23.15 -30.43 -2.98
C LEU C 74 24.54 -31.05 -3.07
N THR C 75 24.59 -32.28 -3.56
CA THR C 75 25.84 -33.02 -3.67
C THR C 75 26.62 -32.67 -4.93
N ASP C 76 26.08 -31.83 -5.80
CA ASP C 76 26.75 -31.42 -7.03
C ASP C 76 27.11 -29.94 -6.95
N VAL C 77 28.27 -29.59 -7.53
CA VAL C 77 28.72 -28.22 -7.56
C VAL C 77 28.14 -27.50 -8.78
N ASP C 78 28.19 -26.16 -8.77
CA ASP C 78 27.72 -25.30 -9.86
C ASP C 78 26.25 -25.54 -10.19
N GLN C 79 25.43 -25.72 -9.16
CA GLN C 79 24.02 -26.05 -9.34
C GLN C 79 23.16 -24.80 -9.35
N LEU C 80 22.14 -24.80 -10.20
CA LEU C 80 21.18 -23.71 -10.25
C LEU C 80 20.24 -23.79 -9.08
N LEU C 81 20.12 -22.68 -8.34
CA LEU C 81 19.20 -22.62 -7.20
C LEU C 81 17.83 -22.15 -7.64
N PHE C 82 17.75 -20.97 -8.25
CA PHE C 82 16.52 -20.46 -8.84
C PHE C 82 16.86 -19.39 -9.86
N ASN C 83 15.93 -19.15 -10.78
CA ASN C 83 16.04 -18.06 -11.73
C ASN C 83 14.82 -17.17 -11.60
N ILE C 84 15.05 -15.86 -11.60
CA ILE C 84 13.97 -14.89 -11.49
C ILE C 84 13.81 -14.19 -12.84
N PRO C 85 12.61 -14.28 -13.45
CA PRO C 85 12.35 -13.53 -14.65
C PRO C 85 12.25 -12.14 -14.09
N LEU C 86 13.20 -11.29 -14.43
CA LEU C 86 13.16 -9.89 -13.97
C LEU C 86 12.11 -9.14 -14.81
N ASP C 87 10.94 -9.75 -14.99
CA ASP C 87 9.84 -9.10 -15.76
C ASP C 87 8.80 -8.58 -14.77
N ILE C 88 8.70 -7.26 -14.66
CA ILE C 88 7.73 -6.63 -13.72
C ILE C 88 6.31 -6.84 -14.25
N GLN C 89 6.11 -6.75 -15.56
CA GLN C 89 4.73 -6.82 -16.10
C GLN C 89 4.31 -8.26 -16.39
N LEU C 90 5.25 -9.15 -16.69
CA LEU C 90 4.82 -10.51 -17.09
C LEU C 90 4.51 -11.37 -15.87
N ASP C 91 3.74 -10.84 -14.91
CA ASP C 91 3.30 -11.64 -13.74
C ASP C 91 4.42 -12.61 -13.34
N GLY C 92 5.59 -12.08 -13.01
CA GLY C 92 6.68 -12.94 -12.55
C GLY C 92 6.88 -12.76 -11.07
N PRO C 93 7.97 -13.28 -10.48
CA PRO C 93 8.22 -13.05 -9.08
C PRO C 93 8.08 -11.59 -8.71
N LEU C 94 8.47 -10.68 -9.59
CA LEU C 94 8.46 -9.25 -9.23
C LEU C 94 7.03 -8.70 -9.19
N ARG C 95 6.21 -8.95 -10.20
CA ARG C 95 4.85 -8.34 -10.25
C ARG C 95 4.41 -7.95 -8.84
N ASN C 96 4.48 -8.88 -7.88
CA ASN C 96 3.99 -8.60 -6.53
C ASN C 96 5.06 -7.92 -5.69
N THR C 97 5.53 -6.77 -6.19
CA THR C 97 6.54 -5.97 -5.50
C THR C 97 6.16 -4.51 -5.58
N LEU C 98 6.64 -3.73 -4.60
CA LEU C 98 6.39 -2.29 -4.61
C LEU C 98 7.18 -1.59 -5.69
N VAL C 99 8.19 -2.26 -6.26
CA VAL C 99 8.80 -1.76 -7.49
C VAL C 99 8.08 -2.32 -8.71
N GLY C 100 7.23 -3.33 -8.53
CA GLY C 100 6.60 -3.99 -9.65
C GLY C 100 5.11 -3.71 -9.81
N ASN C 101 4.39 -3.62 -8.69
CA ASN C 101 2.99 -3.26 -8.74
C ASN C 101 2.81 -1.81 -9.15
N ILE C 102 3.69 -0.93 -8.68
CA ILE C 102 3.63 0.48 -9.05
C ILE C 102 4.10 0.67 -10.48
N SER C 103 5.12 -0.09 -10.91
CA SER C 103 5.54 -0.01 -12.30
C SER C 103 4.60 -0.73 -13.25
N ARG C 104 3.64 -1.50 -12.72
CA ARG C 104 2.55 -2.01 -13.55
C ARG C 104 1.49 -0.95 -13.83
N TYR C 105 1.52 0.16 -13.12
CA TYR C 105 0.72 1.32 -13.48
C TYR C 105 1.36 2.14 -14.60
N TYR C 106 2.63 1.90 -14.92
CA TYR C 106 3.36 2.72 -15.86
C TYR C 106 3.80 1.88 -17.05
N THR C 107 3.52 2.38 -18.26
CA THR C 107 3.98 1.71 -19.47
C THR C 107 5.50 1.73 -19.58
N HIS C 108 6.11 2.85 -19.23
CA HIS C 108 7.55 3.00 -19.31
C HIS C 108 8.16 2.86 -17.92
N TRP C 109 9.30 2.17 -17.85
CA TRP C 109 10.06 2.10 -16.61
C TRP C 109 11.53 2.20 -16.95
N SER C 110 12.30 2.79 -16.03
CA SER C 110 13.73 2.94 -16.21
C SER C 110 14.41 2.89 -14.84
N GLY C 111 15.73 2.97 -14.87
CA GLY C 111 16.51 3.03 -13.65
C GLY C 111 17.06 1.67 -13.24
N SER C 112 18.08 1.72 -12.40
CA SER C 112 18.74 0.52 -11.92
C SER C 112 17.89 -0.16 -10.86
N LEU C 113 17.71 -1.47 -11.00
CA LEU C 113 16.98 -2.25 -10.01
C LEU C 113 17.91 -2.70 -8.90
N GLU C 114 17.39 -2.62 -7.67
CA GLU C 114 18.05 -3.19 -6.49
C GLU C 114 17.65 -4.65 -6.39
N MET C 115 18.57 -5.50 -5.96
CA MET C 115 18.30 -6.94 -5.83
C MET C 115 18.89 -7.39 -4.52
N THR C 116 18.14 -7.29 -3.44
CA THR C 116 18.65 -7.60 -2.11
C THR C 116 18.09 -8.93 -1.62
N PHE C 117 18.97 -9.89 -1.40
CA PHE C 117 18.61 -11.22 -0.93
C PHE C 117 19.15 -11.43 0.48
N MET C 118 18.26 -11.75 1.41
CA MET C 118 18.65 -12.08 2.77
C MET C 118 18.64 -13.60 2.95
N PHE C 119 19.42 -14.07 3.92
CA PHE C 119 19.53 -15.49 4.22
C PHE C 119 18.78 -15.77 5.52
N CYS C 120 17.67 -16.49 5.41
CA CYS C 120 16.89 -16.88 6.58
C CYS C 120 17.30 -18.29 6.98
N GLY C 121 18.52 -18.39 7.50
CA GLY C 121 19.05 -19.66 7.97
C GLY C 121 19.54 -19.59 9.39
N SER C 122 20.21 -20.62 9.85
CA SER C 122 20.83 -20.58 11.17
C SER C 122 22.13 -19.78 11.11
N PHE C 123 22.67 -19.47 12.29
CA PHE C 123 23.97 -18.80 12.35
C PHE C 123 25.09 -19.72 11.89
N MET C 124 25.00 -21.01 12.19
CA MET C 124 26.01 -21.96 11.74
C MET C 124 25.81 -22.39 10.30
N ALA C 125 24.71 -22.00 9.66
CA ALA C 125 24.51 -22.28 8.25
C ALA C 125 25.38 -21.34 7.43
N THR C 126 26.42 -21.90 6.81
CA THR C 126 27.41 -21.12 6.07
C THR C 126 27.46 -21.59 4.63
N GLY C 127 28.02 -20.75 3.78
CA GLY C 127 28.24 -21.09 2.39
C GLY C 127 28.15 -19.89 1.48
N LYS C 128 29.12 -19.76 0.56
CA LYS C 128 29.08 -18.69 -0.42
C LYS C 128 28.01 -18.98 -1.46
N LEU C 129 27.54 -17.92 -2.11
CA LEU C 129 26.39 -17.99 -2.99
C LEU C 129 26.45 -16.82 -3.96
N ILE C 130 26.11 -17.05 -5.22
CA ILE C 130 26.39 -16.11 -6.28
C ILE C 130 25.10 -15.74 -7.00
N LEU C 131 24.87 -14.43 -7.17
CA LEU C 131 23.66 -13.90 -7.80
C LEU C 131 24.02 -13.38 -9.18
N CYS C 132 23.82 -14.19 -10.20
CA CYS C 132 24.16 -13.81 -11.57
C CYS C 132 22.96 -13.11 -12.21
N TYR C 133 23.15 -11.85 -12.58
CA TYR C 133 22.22 -11.15 -13.45
C TYR C 133 22.85 -11.03 -14.82
N THR C 134 22.18 -11.56 -15.83
CA THR C 134 22.71 -11.47 -17.19
C THR C 134 21.85 -10.53 -18.01
N PRO C 135 22.47 -9.60 -18.76
CA PRO C 135 21.69 -8.78 -19.69
C PRO C 135 21.03 -9.63 -20.76
N PRO C 136 19.87 -9.19 -21.28
CA PRO C 136 19.15 -10.00 -22.26
C PRO C 136 19.86 -10.05 -23.60
N GLY C 137 19.52 -11.08 -24.38
CA GLY C 137 20.13 -11.30 -25.67
C GLY C 137 20.35 -12.78 -25.93
N GLY C 138 20.35 -13.56 -24.86
CA GLY C 138 20.46 -15.00 -24.96
C GLY C 138 19.43 -15.71 -24.10
N SER C 139 19.61 -17.00 -23.88
CA SER C 139 18.69 -17.74 -23.03
C SER C 139 19.02 -17.52 -21.56
N CYS C 140 18.10 -17.91 -20.70
CA CYS C 140 18.36 -17.90 -19.27
C CYS C 140 19.37 -18.99 -18.92
N PRO C 141 20.46 -18.67 -18.24
CA PRO C 141 21.49 -19.67 -17.96
C PRO C 141 21.04 -20.70 -16.94
N THR C 142 21.58 -21.92 -17.08
CA THR C 142 21.35 -22.99 -16.14
C THR C 142 22.63 -23.50 -15.50
N THR C 143 23.79 -23.04 -15.94
CA THR C 143 25.07 -23.44 -15.37
C THR C 143 25.85 -22.20 -14.94
N ARG C 144 26.83 -22.43 -14.06
CA ARG C 144 27.50 -21.31 -13.39
C ARG C 144 28.46 -20.58 -14.32
N GLU C 145 29.21 -21.32 -15.14
CA GLU C 145 30.28 -20.70 -15.94
C GLU C 145 29.72 -19.85 -17.08
N THR C 146 28.51 -20.14 -17.54
CA THR C 146 27.87 -19.32 -18.55
C THR C 146 27.06 -18.18 -17.95
N ALA C 147 26.94 -18.12 -16.62
CA ALA C 147 26.22 -17.05 -15.95
C ALA C 147 27.12 -16.12 -15.15
N MET C 148 28.31 -16.56 -14.75
CA MET C 148 29.24 -15.70 -14.04
C MET C 148 29.87 -14.64 -14.93
N LEU C 149 29.74 -14.76 -16.26
CA LEU C 149 30.23 -13.73 -17.17
C LEU C 149 29.42 -12.45 -17.10
N GLY C 150 28.17 -12.52 -16.65
CA GLY C 150 27.33 -11.35 -16.50
C GLY C 150 27.57 -10.67 -15.16
N THR C 151 26.58 -9.87 -14.76
CA THR C 151 26.64 -9.16 -13.49
C THR C 151 26.39 -10.16 -12.37
N HIS C 152 27.47 -10.64 -11.76
CA HIS C 152 27.41 -11.60 -10.68
C HIS C 152 28.06 -11.02 -9.44
N ILE C 153 27.69 -11.55 -8.28
CA ILE C 153 28.26 -11.11 -7.01
C ILE C 153 28.23 -12.28 -6.03
N VAL C 154 29.39 -12.57 -5.44
CA VAL C 154 29.53 -13.71 -4.53
C VAL C 154 29.20 -13.26 -3.12
N TRP C 155 28.36 -14.04 -2.44
CA TRP C 155 27.79 -13.67 -1.15
C TRP C 155 28.11 -14.75 -0.12
N ASP C 156 29.11 -14.50 0.71
CA ASP C 156 29.28 -15.28 1.93
C ASP C 156 28.27 -14.78 2.95
N PHE C 157 27.62 -15.72 3.66
CA PHE C 157 26.50 -15.37 4.53
C PHE C 157 26.97 -14.54 5.72
N GLY C 158 27.95 -15.05 6.46
CA GLY C 158 28.67 -14.22 7.43
C GLY C 158 27.83 -13.77 8.60
N LEU C 159 27.83 -12.46 8.83
CA LEU C 159 27.13 -11.84 9.95
C LEU C 159 25.99 -10.94 9.50
N GLN C 160 26.18 -10.16 8.44
CA GLN C 160 25.11 -9.27 7.97
C GLN C 160 23.97 -10.03 7.30
N SER C 161 24.23 -11.24 6.80
CA SER C 161 23.24 -12.23 6.37
C SER C 161 22.36 -11.76 5.22
N SER C 162 22.79 -10.75 4.47
CA SER C 162 22.01 -10.25 3.34
C SER C 162 22.92 -9.54 2.37
N ILE C 163 22.84 -9.91 1.09
CA ILE C 163 23.59 -9.24 0.04
C ILE C 163 22.61 -8.33 -0.66
N THR C 164 23.14 -7.29 -1.31
CA THR C 164 22.35 -6.43 -2.19
C THR C 164 23.05 -6.41 -3.55
N LEU C 165 22.61 -7.29 -4.45
CA LEU C 165 23.01 -7.19 -5.83
C LEU C 165 22.35 -5.95 -6.44
N ILE C 166 23.05 -5.26 -7.33
CA ILE C 166 22.49 -4.12 -8.01
C ILE C 166 22.39 -4.47 -9.49
N ILE C 167 21.16 -4.47 -10.01
CA ILE C 167 20.95 -4.67 -11.45
C ILE C 167 21.36 -3.35 -12.08
N PRO C 168 22.30 -3.36 -13.01
CA PRO C 168 22.64 -2.12 -13.73
C PRO C 168 21.64 -1.86 -14.84
N TRP C 169 21.61 -0.61 -15.28
CA TRP C 169 20.67 -0.19 -16.31
C TRP C 169 21.33 -0.34 -17.67
N ILE C 170 21.24 -1.54 -18.22
CA ILE C 170 21.70 -1.83 -19.57
C ILE C 170 20.47 -1.88 -20.47
N SER C 171 20.38 -0.94 -21.40
CA SER C 171 19.33 -0.93 -22.40
C SER C 171 19.78 -0.06 -23.56
N GLY C 172 19.39 -0.45 -24.77
CA GLY C 172 19.62 0.42 -25.92
C GLY C 172 18.79 1.68 -25.85
N SER C 173 17.56 1.57 -25.36
CA SER C 173 16.68 2.71 -25.16
C SER C 173 16.85 3.27 -23.76
N HIS C 174 16.20 4.41 -23.51
CA HIS C 174 16.25 5.04 -22.21
C HIS C 174 15.21 4.45 -21.24
N TYR C 175 14.28 3.66 -21.70
CA TYR C 175 13.24 3.23 -20.74
C TYR C 175 12.75 1.89 -21.19
N ARG C 176 12.96 0.88 -20.38
CA ARG C 176 12.38 -0.44 -20.73
C ARG C 176 10.87 -0.31 -20.52
N MET C 177 10.10 -0.84 -21.44
CA MET C 177 8.63 -0.72 -21.34
C MET C 177 8.08 -1.99 -20.71
N PHE C 178 6.76 -2.10 -20.64
CA PHE C 178 6.13 -3.35 -20.17
C PHE C 178 5.26 -3.76 -21.31
N ASN C 179 5.85 -4.18 -22.43
CA ASN C 179 5.06 -4.46 -23.66
C ASN C 179 4.29 -5.78 -23.57
N ASN C 180 4.35 -6.46 -22.43
CA ASN C 180 3.59 -7.72 -22.25
C ASN C 180 4.22 -8.80 -23.12
N ASP C 181 5.35 -8.51 -23.75
CA ASP C 181 6.11 -9.55 -24.51
C ASP C 181 7.49 -9.62 -23.90
N ALA C 182 7.64 -10.43 -22.84
CA ALA C 182 8.93 -10.48 -22.13
C ALA C 182 10.07 -10.57 -23.15
N LYS C 183 9.89 -11.37 -24.18
CA LYS C 183 11.00 -11.58 -25.13
C LYS C 183 11.01 -10.43 -26.14
N SER C 184 11.10 -9.19 -25.65
CA SER C 184 11.17 -8.01 -26.56
C SER C 184 12.35 -7.12 -26.16
N THR C 185 13.17 -6.72 -27.12
CA THR C 185 14.36 -5.93 -26.80
C THR C 185 13.90 -4.82 -25.91
N ASN C 186 12.76 -4.22 -26.23
CA ASN C 186 12.32 -3.08 -25.45
C ASN C 186 11.58 -3.48 -24.19
N ALA C 187 11.50 -4.77 -23.87
CA ALA C 187 10.78 -5.23 -22.70
C ALA C 187 11.59 -6.12 -21.77
N ASN C 188 12.51 -6.93 -22.30
CA ASN C 188 13.27 -7.84 -21.46
C ASN C 188 14.36 -7.08 -20.71
N VAL C 189 14.45 -7.34 -19.41
CA VAL C 189 15.43 -6.69 -18.54
C VAL C 189 16.63 -7.61 -18.38
N GLY C 190 16.40 -8.91 -18.54
CA GLY C 190 17.42 -9.91 -18.35
C GLY C 190 16.92 -10.99 -17.43
N TYR C 191 17.86 -11.77 -16.90
CA TYR C 191 17.54 -12.88 -16.03
C TYR C 191 18.46 -12.82 -14.83
N VAL C 192 17.88 -12.90 -13.64
CA VAL C 192 18.66 -13.02 -12.41
C VAL C 192 18.67 -14.49 -12.02
N THR C 193 19.85 -15.09 -12.05
CA THR C 193 20.05 -16.51 -11.80
C THR C 193 20.90 -16.69 -10.56
N CYS C 194 20.48 -17.59 -9.68
CA CYS C 194 21.14 -17.82 -8.42
C CYS C 194 21.77 -19.22 -8.42
N PHE C 195 23.03 -19.28 -8.01
CA PHE C 195 23.80 -20.52 -8.06
C PHE C 195 24.49 -20.78 -6.72
N MET C 196 24.73 -22.06 -6.46
CA MET C 196 25.65 -22.43 -5.39
C MET C 196 27.07 -22.04 -5.78
N GLN C 197 27.80 -21.48 -4.82
CA GLN C 197 29.21 -21.16 -5.03
C GLN C 197 30.13 -22.11 -4.27
N THR C 198 29.93 -22.25 -2.95
CA THR C 198 30.68 -23.21 -2.14
C THR C 198 29.76 -24.14 -1.36
N ASN C 199 28.49 -24.27 -1.79
CA ASN C 199 27.42 -25.12 -1.24
C ASN C 199 26.96 -24.68 0.14
N LEU C 200 25.70 -24.93 0.45
CA LEU C 200 25.12 -24.61 1.76
C LEU C 200 25.59 -25.65 2.77
N ILE C 201 26.51 -25.23 3.65
CA ILE C 201 27.05 -26.11 4.68
C ILE C 201 26.20 -25.90 5.94
N VAL C 202 25.54 -26.96 6.38
CA VAL C 202 24.68 -26.90 7.57
C VAL C 202 25.08 -28.03 8.52
N PRO C 203 25.02 -27.81 9.83
CA PRO C 203 25.30 -28.89 10.79
C PRO C 203 24.12 -29.86 10.88
N SER C 204 24.32 -30.89 11.71
CA SER C 204 23.28 -31.90 11.89
C SER C 204 22.09 -31.35 12.69
N GLU C 205 22.36 -30.52 13.69
CA GLU C 205 21.29 -29.97 14.51
C GLU C 205 20.54 -28.85 13.81
N SER C 206 21.10 -28.27 12.76
CA SER C 206 20.39 -27.28 11.96
C SER C 206 19.62 -27.98 10.85
N SER C 207 18.51 -27.37 10.46
CA SER C 207 17.65 -27.96 9.44
C SER C 207 18.29 -27.82 8.06
N ASP C 208 18.17 -28.87 7.25
CA ASP C 208 18.60 -28.82 5.86
C ASP C 208 17.46 -28.38 4.95
N THR C 209 16.80 -27.29 5.35
CA THR C 209 15.78 -26.58 4.60
C THR C 209 16.00 -25.09 4.74
N CYS C 210 17.26 -24.67 4.63
CA CYS C 210 17.61 -23.26 4.82
C CYS C 210 17.03 -22.41 3.70
N SER C 211 16.62 -21.20 4.07
CA SER C 211 15.70 -20.45 3.24
C SER C 211 16.28 -19.11 2.85
N LEU C 212 16.11 -18.75 1.59
CA LEU C 212 16.49 -17.44 1.09
C LEU C 212 15.24 -16.59 0.91
N ILE C 213 15.31 -15.35 1.39
CA ILE C 213 14.28 -14.36 1.11
C ILE C 213 14.92 -13.24 0.32
N GLY C 214 14.41 -13.02 -0.88
CA GLY C 214 14.89 -11.96 -1.73
C GLY C 214 13.99 -10.75 -1.69
N PHE C 215 14.56 -9.62 -2.06
CA PHE C 215 13.80 -8.39 -2.25
C PHE C 215 14.31 -7.72 -3.50
N ILE C 216 13.42 -7.04 -4.21
CA ILE C 216 13.84 -6.12 -5.26
C ILE C 216 13.28 -4.75 -4.92
N ALA C 217 14.17 -3.77 -4.82
CA ALA C 217 13.82 -2.39 -4.61
C ALA C 217 14.24 -1.60 -5.84
N ALA C 218 14.15 -0.29 -5.73
CA ALA C 218 14.65 0.60 -6.77
C ALA C 218 15.76 1.45 -6.22
N LYS C 219 16.49 2.10 -7.12
CA LYS C 219 17.52 3.04 -6.75
C LYS C 219 17.03 4.46 -6.99
N ASP C 220 17.89 5.43 -6.69
CA ASP C 220 17.53 6.83 -6.81
C ASP C 220 17.49 7.32 -8.26
N ASP C 221 17.93 6.50 -9.23
CA ASP C 221 17.79 6.83 -10.63
C ASP C 221 16.60 6.15 -11.30
N PHE C 222 15.84 5.36 -10.54
CA PHE C 222 14.71 4.59 -11.12
C PHE C 222 13.61 5.54 -11.47
N SER C 223 12.89 5.27 -12.55
CA SER C 223 11.84 6.19 -13.01
C SER C 223 10.77 5.42 -13.78
N LEU C 224 9.51 5.79 -13.58
CA LEU C 224 8.42 5.16 -14.33
C LEU C 224 7.81 6.27 -15.18
N ARG C 225 7.27 5.97 -16.37
CA ARG C 225 6.83 7.08 -17.23
C ARG C 225 5.35 6.97 -17.60
N LEU C 226 5.02 6.49 -18.80
CA LEU C 226 3.60 6.53 -19.24
C LEU C 226 2.74 5.75 -18.25
N MET C 227 1.76 6.40 -17.63
CA MET C 227 0.97 5.70 -16.59
C MET C 227 -0.19 4.95 -17.24
N ARG C 228 -0.23 3.63 -17.05
CA ARG C 228 -1.33 2.81 -17.57
C ARG C 228 -2.21 2.40 -16.40
N ASP C 229 -3.08 1.43 -16.62
CA ASP C 229 -3.99 0.97 -15.55
C ASP C 229 -3.58 -0.46 -15.21
N SER C 230 -3.06 -0.67 -14.02
CA SER C 230 -2.53 -2.00 -13.63
C SER C 230 -3.51 -3.13 -13.96
N PRO C 231 -3.06 -4.20 -14.63
CA PRO C 231 -3.87 -5.41 -14.88
C PRO C 231 -4.02 -6.34 -13.69
N ASP C 232 -3.67 -5.90 -12.47
CA ASP C 232 -3.74 -6.77 -11.30
C ASP C 232 -5.18 -7.03 -10.89
N ILE C 233 -5.99 -5.99 -10.84
CA ILE C 233 -7.38 -6.13 -10.44
C ILE C 233 -8.27 -6.31 -11.66
N GLY C 234 -9.42 -6.93 -11.45
CA GLY C 234 -10.38 -7.12 -12.51
C GLY C 234 -11.81 -7.06 -12.00
N GLN C 235 -12.57 -6.09 -12.50
CA GLN C 235 -13.96 -5.89 -12.10
C GLN C 235 -14.85 -6.52 -13.18
N ILE C 236 -14.92 -7.85 -13.14
CA ILE C 236 -15.78 -8.54 -14.10
C ILE C 236 -17.25 -8.43 -13.70
N ASP C 237 -17.51 -8.18 -12.41
CA ASP C 237 -18.85 -7.89 -11.93
C ASP C 237 -18.78 -6.74 -10.95
N HIS C 238 -19.94 -6.17 -10.61
CA HIS C 238 -20.01 -5.13 -9.59
C HIS C 238 -19.73 -5.71 -8.22
N LEU C 239 -19.01 -4.95 -7.40
CA LEU C 239 -18.65 -5.39 -6.07
C LEU C 239 -19.86 -5.38 -5.14
N HIS C 240 -19.70 -6.00 -3.98
CA HIS C 240 -20.74 -5.93 -2.96
C HIS C 240 -20.82 -4.52 -2.40
N GLY C 241 -22.04 -4.06 -2.14
CA GLY C 241 -22.28 -2.68 -1.83
C GLY C 241 -22.71 -1.83 -3.01
N ALA C 242 -22.34 -2.23 -4.23
CA ALA C 242 -22.97 -1.66 -5.40
C ALA C 242 -24.43 -2.12 -5.46
N GLU C 243 -25.28 -1.23 -5.95
CA GLU C 243 -26.75 -1.22 -5.83
C GLU C 243 -27.21 -1.14 -4.37
N ALA C 244 -26.32 -0.79 -3.43
CA ALA C 244 -26.65 -0.62 -2.02
C ALA C 244 -26.13 0.68 -1.44
N ALA C 245 -24.94 1.14 -1.87
CA ALA C 245 -24.57 2.53 -1.63
C ALA C 245 -25.43 3.47 -2.47
N TYR C 246 -25.93 2.97 -3.60
CA TYR C 246 -26.97 3.65 -4.35
C TYR C 246 -28.30 3.64 -3.60
N GLN C 247 -28.56 2.57 -2.83
CA GLN C 247 -29.81 2.25 -2.11
C GLN C 247 -31.11 2.67 -2.78
N ASN D 28 0.29 29.49 -16.13
CA ASN D 28 -0.22 28.20 -16.56
C ASN D 28 -1.41 27.78 -15.70
N GLN D 29 -1.74 28.60 -14.72
CA GLN D 29 -2.85 28.35 -13.81
C GLN D 29 -4.00 29.29 -14.16
N ILE D 30 -5.20 28.73 -14.35
CA ILE D 30 -6.34 29.49 -14.81
C ILE D 30 -7.34 29.44 -13.65
N ASN D 31 -6.81 29.49 -12.43
CA ASN D 31 -7.65 29.46 -11.23
C ASN D 31 -8.25 30.85 -11.04
N PHE D 32 -9.48 31.03 -11.52
CA PHE D 32 -10.21 32.27 -11.33
C PHE D 32 -11.27 32.18 -10.24
N TYR D 33 -11.29 31.09 -9.47
CA TYR D 33 -12.23 30.95 -8.38
C TYR D 33 -11.61 31.44 -7.08
N LYS D 34 -12.48 31.70 -6.10
CA LYS D 34 -12.08 32.32 -4.84
C LYS D 34 -11.61 31.31 -3.80
N ASP D 35 -11.55 30.03 -4.14
CA ASP D 35 -11.11 28.99 -3.23
C ASP D 35 -9.75 28.44 -3.66
N SER D 36 -8.86 28.28 -2.69
CA SER D 36 -7.52 27.78 -2.97
C SER D 36 -7.51 26.30 -3.31
N TYR D 37 -8.52 25.55 -2.86
CA TYR D 37 -8.60 24.13 -3.19
C TYR D 37 -8.98 23.89 -4.64
N ALA D 38 -9.69 24.83 -5.28
CA ALA D 38 -10.22 24.64 -6.62
C ALA D 38 -9.21 24.97 -7.72
N ALA D 39 -7.93 25.10 -7.38
CA ALA D 39 -6.91 25.44 -8.35
C ALA D 39 -6.52 24.21 -9.19
N SER D 40 -5.49 24.38 -10.01
CA SER D 40 -4.98 23.30 -10.83
C SER D 40 -4.31 22.24 -9.96
N ALA D 41 -4.22 21.02 -10.50
CA ALA D 41 -3.56 19.92 -9.82
C ALA D 41 -2.06 20.21 -9.74
N SER D 42 -1.58 20.46 -8.52
CA SER D 42 -0.22 20.93 -8.29
C SER D 42 0.74 19.77 -8.48
N LYS D 43 1.20 19.59 -9.72
CA LYS D 43 2.25 18.61 -10.03
C LYS D 43 3.63 19.27 -9.97
N GLN D 44 3.91 19.94 -8.85
CA GLN D 44 5.15 20.67 -8.66
C GLN D 44 5.83 20.34 -7.33
N ASP D 45 5.30 19.37 -6.58
CA ASP D 45 5.92 18.96 -5.32
C ASP D 45 7.03 17.96 -5.61
N PHE D 46 8.12 18.49 -6.17
CA PHE D 46 9.24 17.68 -6.59
C PHE D 46 10.07 17.19 -5.41
N SER D 47 10.08 17.93 -4.31
CA SER D 47 10.82 17.53 -3.12
C SER D 47 10.20 16.28 -2.51
N GLN D 48 11.04 15.34 -2.13
CA GLN D 48 10.59 14.08 -1.53
C GLN D 48 11.71 13.52 -0.67
N ASP D 49 11.32 12.81 0.40
CA ASP D 49 12.26 12.26 1.37
C ASP D 49 12.12 10.75 1.37
N PRO D 50 12.96 10.03 0.60
CA PRO D 50 12.83 8.57 0.55
C PRO D 50 13.36 7.87 1.78
N SER D 51 14.10 8.58 2.65
CA SER D 51 14.63 7.99 3.87
C SER D 51 13.58 7.71 4.93
N LYS D 52 12.34 8.19 4.73
CA LYS D 52 11.25 7.79 5.62
C LYS D 52 10.97 6.30 5.52
N PHE D 53 11.02 5.75 4.31
CA PHE D 53 10.67 4.35 4.08
C PHE D 53 11.85 3.48 3.70
N THR D 54 12.89 4.03 3.06
CA THR D 54 14.04 3.22 2.70
C THR D 54 14.96 3.00 3.90
N GLU D 55 15.34 4.06 4.60
CA GLU D 55 16.24 3.97 5.74
C GLU D 55 15.60 4.60 6.96
N PRO D 56 14.63 3.90 7.59
CA PRO D 56 13.94 4.45 8.77
C PRO D 56 14.65 4.11 10.07
N VAL D 57 15.95 4.41 10.14
CA VAL D 57 16.79 4.05 11.27
C VAL D 57 17.32 5.32 11.91
N VAL D 58 17.88 5.14 13.12
CA VAL D 58 18.53 6.14 13.99
C VAL D 58 17.87 7.52 14.04
#